data_4GJR
#
_entry.id   4GJR
#
_cell.length_a   81.839
_cell.length_b   87.625
_cell.length_c   88.455
_cell.angle_alpha   90.00
_cell.angle_beta   102.85
_cell.angle_gamma   90.00
#
_symmetry.space_group_name_H-M   'P 1 21 1'
#
loop_
_entity.id
_entity.type
_entity.pdbx_description
1 polymer Hax3
2 polymer "DNA (5'-D(*TP*GP*TP*CP*CP*CP*TP*(5CM)P*TP*AP*(5CM)P*CP*TP*CP*(5CM)P*CP*T)-3')"
3 polymer "DNA (5'-D(*AP*GP*GP*GP*AP*GP*GP*TP*AP*GP*AP*GP*GP*GP*AP*CP*A)-3')"
4 water water
#
loop_
_entity_poly.entity_id
_entity_poly.type
_entity_poly.pdbx_seq_one_letter_code
_entity_poly.pdbx_strand_id
1 'polypeptide(L)'
;MQWSGARALEALLTVAGELRGPPLQLDTGQLLKIAKRGGVTAVEAVHAWRNALTGAPLNLTPEQVVAIASHDGGKQALET
VQRLLPVLCQAHGLTPQQVVAIASHDGGKQALETVQRLLPVLCQAHGLTPEQVVAIASHDGGKQALETVQALLPVLCQAH
GLTPEQVVAIASNGGGKQALETVQRLLPVLCQAHGLTPQQVVAIASNGGGKQALETVQRLLPVLCQAHGLTPQQVVAIAS
NGGGKQALETVQRLLPVLCQAHGLTPQQVVAIASNSGGKQALETVQRLLPVLCQAHGLTPQQVVAIASNGGGKQALETVQ
RLLPVLCQAHGLTPQQVVAIASHDGGKQALETVQRLLPVLCQAHGLTPEQVVAIASNGGGKQALETVQRLLPVLCQAHGL
TPEQVVAIASHDGGKQALETVQRLLPVLCQAHGLTPQQVVAIASNGGGRPALESIVAQLSRPDPALAALTNDHLVALACL
GGRPALDAVKKLEHHHHHH
;
A,B
2 'polydeoxyribonucleotide' (DT)(DG)(DT)(DC)(DC)(DC)(DT)(5CM)(DT)(DA)(5CM)(DC)(DT)(DC)(5CM)(DC)(DT) I,G
3 'polydeoxyribonucleotide' (DA)(DG)(DG)(DG)(DA)(DG)(DG)(DT)(DA)(DG)(DA)(DG)(DG)(DG)(DA)(DC)(DA) J,H
#
loop_
_chem_comp.id
_chem_comp.type
_chem_comp.name
_chem_comp.formula
5CM DNA linking 5-METHYL-2'-DEOXY-CYTIDINE-5'-MONOPHOSPHATE 'C10 H16 N3 O7 P'
DA DNA linking 2'-DEOXYADENOSINE-5'-MONOPHOSPHATE 'C10 H14 N5 O6 P'
DC DNA linking 2'-DEOXYCYTIDINE-5'-MONOPHOSPHATE 'C9 H14 N3 O7 P'
DG DNA linking 2'-DEOXYGUANOSINE-5'-MONOPHOSPHATE 'C10 H14 N5 O7 P'
DT DNA linking THYMIDINE-5'-MONOPHOSPHATE 'C10 H15 N2 O8 P'
#
# COMPACT_ATOMS: atom_id res chain seq x y z
N GLN A 2 11.41 66.10 7.05
CA GLN A 2 10.94 65.40 5.87
C GLN A 2 10.95 63.89 6.14
N TRP A 3 10.24 63.12 5.33
CA TRP A 3 9.95 61.71 5.64
C TRP A 3 11.20 60.85 5.73
N SER A 4 11.21 59.96 6.72
CA SER A 4 12.41 59.18 7.04
C SER A 4 12.68 58.08 6.02
N GLY A 5 11.63 57.40 5.58
CA GLY A 5 11.77 56.27 4.67
C GLY A 5 12.13 56.65 3.25
N ALA A 6 12.36 57.94 3.01
CA ALA A 6 12.55 58.43 1.64
C ALA A 6 13.88 57.99 1.01
N ARG A 7 14.94 57.97 1.81
CA ARG A 7 16.26 57.58 1.32
C ARG A 7 16.28 56.14 0.84
N ALA A 8 15.71 55.24 1.64
CA ALA A 8 15.65 53.83 1.30
C ALA A 8 14.80 53.57 0.06
N LEU A 9 13.72 54.34 -0.08
CA LEU A 9 12.83 54.17 -1.22
C LEU A 9 13.52 54.61 -2.50
N GLU A 10 14.29 55.68 -2.38
CA GLU A 10 15.05 56.21 -3.49
C GLU A 10 16.18 55.24 -3.86
N ALA A 11 16.84 54.70 -2.83
CA ALA A 11 17.86 53.66 -3.05
C ALA A 11 17.23 52.47 -3.77
N LEU A 12 16.05 52.10 -3.33
CA LEU A 12 15.33 50.99 -3.93
C LEU A 12 15.09 51.20 -5.42
N LEU A 13 14.62 52.39 -5.79
CA LEU A 13 14.23 52.65 -7.15
C LEU A 13 15.43 52.74 -8.07
N THR A 14 16.55 53.19 -7.52
CA THR A 14 17.80 53.29 -8.29
C THR A 14 18.30 51.91 -8.74
N VAL A 15 18.52 51.03 -7.76
CA VAL A 15 19.00 49.68 -8.03
C VAL A 15 18.00 48.93 -8.88
N ALA A 16 16.72 49.15 -8.59
CA ALA A 16 15.64 48.53 -9.36
C ALA A 16 15.81 48.84 -10.85
N GLY A 17 16.10 50.10 -11.15
CA GLY A 17 16.35 50.49 -12.53
C GLY A 17 17.51 49.74 -13.17
N GLU A 18 18.58 49.53 -12.41
CA GLU A 18 19.75 48.82 -12.91
C GLU A 18 19.49 47.33 -13.15
N LEU A 19 18.51 46.77 -12.43
CA LEU A 19 18.15 45.36 -12.61
C LEU A 19 17.27 45.13 -13.83
N ARG A 20 16.76 46.20 -14.42
CA ARG A 20 15.99 46.09 -15.68
C ARG A 20 16.91 45.77 -16.85
N GLY A 21 18.22 45.91 -16.62
CA GLY A 21 19.22 45.59 -17.63
C GLY A 21 19.71 44.15 -17.52
N PRO A 22 20.76 43.81 -18.28
CA PRO A 22 21.36 42.48 -18.20
C PRO A 22 22.10 42.29 -16.89
N PRO A 23 22.23 41.04 -16.43
CA PRO A 23 21.77 39.85 -17.16
C PRO A 23 20.42 39.31 -16.67
N LEU A 24 19.60 40.15 -16.04
CA LEU A 24 18.33 39.68 -15.46
C LEU A 24 17.08 40.24 -16.13
N GLN A 25 17.20 41.45 -16.65
CA GLN A 25 16.09 42.12 -17.33
C GLN A 25 14.75 41.90 -16.62
N LEU A 26 14.68 42.24 -15.34
CA LEU A 26 13.46 42.10 -14.56
C LEU A 26 12.42 43.13 -14.97
N ASP A 27 11.15 42.73 -14.94
CA ASP A 27 10.06 43.67 -15.22
C ASP A 27 9.47 44.25 -13.92
N THR A 28 8.53 45.17 -14.09
CA THR A 28 7.94 45.90 -12.97
C THR A 28 7.36 44.99 -11.88
N GLY A 29 6.57 44.01 -12.30
CA GLY A 29 5.96 43.06 -11.37
C GLY A 29 6.98 42.29 -10.57
N GLN A 30 8.04 41.83 -11.23
CA GLN A 30 9.12 41.13 -10.56
C GLN A 30 9.82 42.01 -9.52
N LEU A 31 9.96 43.29 -9.82
CA LEU A 31 10.69 44.22 -8.96
C LEU A 31 9.88 44.54 -7.71
N LEU A 32 8.58 44.77 -7.91
CA LEU A 32 7.67 45.03 -6.81
C LEU A 32 7.61 43.84 -5.87
N LYS A 33 7.58 42.66 -6.47
CA LYS A 33 7.47 41.42 -5.72
C LYS A 33 8.67 41.22 -4.79
N ILE A 34 9.89 41.37 -5.33
CA ILE A 34 11.07 41.27 -4.48
C ILE A 34 11.07 42.34 -3.40
N ALA A 35 10.72 43.57 -3.78
CA ALA A 35 10.72 44.67 -2.81
C ALA A 35 9.72 44.40 -1.70
N LYS A 36 8.53 43.97 -2.09
CA LYS A 36 7.46 43.69 -1.13
C LYS A 36 7.76 42.57 -0.14
N ARG A 37 8.34 41.47 -0.63
CA ARG A 37 8.51 40.27 0.19
C ARG A 37 9.93 40.05 0.74
N GLY A 38 10.93 40.52 0.01
CA GLY A 38 12.32 40.40 0.42
C GLY A 38 12.88 41.72 0.93
N GLY A 39 12.20 42.82 0.61
CA GLY A 39 12.63 44.13 1.07
C GLY A 39 13.79 44.73 0.29
N VAL A 40 14.30 45.86 0.76
CA VAL A 40 15.40 46.53 0.06
C VAL A 40 16.72 45.74 0.11
N THR A 41 16.95 45.01 1.19
CA THR A 41 18.16 44.20 1.27
C THR A 41 18.14 43.10 0.20
N ALA A 42 16.95 42.62 -0.13
CA ALA A 42 16.84 41.58 -1.15
C ALA A 42 17.10 42.18 -2.53
N VAL A 43 16.57 43.37 -2.78
CA VAL A 43 16.76 43.98 -4.09
C VAL A 43 18.24 44.32 -4.31
N GLU A 44 18.90 44.81 -3.27
CA GLU A 44 20.34 45.11 -3.33
C GLU A 44 21.16 43.83 -3.50
N ALA A 45 20.73 42.76 -2.83
CA ALA A 45 21.45 41.48 -2.92
C ALA A 45 21.37 40.92 -4.34
N VAL A 46 20.20 41.08 -4.97
CA VAL A 46 20.04 40.59 -6.34
C VAL A 46 21.01 41.29 -7.26
N HIS A 47 21.18 42.58 -7.04
CA HIS A 47 22.07 43.38 -7.87
C HIS A 47 23.51 42.94 -7.67
N ALA A 48 23.88 42.73 -6.41
CA ALA A 48 25.24 42.38 -6.06
C ALA A 48 25.65 40.99 -6.57
N TRP A 49 24.68 40.08 -6.65
N TRP A 49 24.69 40.06 -6.58
CA TRP A 49 24.98 38.71 -7.01
CA TRP A 49 24.95 38.67 -6.93
C TRP A 49 24.32 38.31 -8.31
C TRP A 49 24.57 38.33 -8.37
N ARG A 50 24.08 39.30 -9.13
CA ARG A 50 23.33 39.01 -10.36
C ARG A 50 24.19 38.27 -11.39
N ASN A 51 25.49 38.51 -11.36
CA ASN A 51 26.39 37.86 -12.29
C ASN A 51 26.79 36.48 -11.80
N ALA A 52 26.97 36.36 -10.49
CA ALA A 52 27.36 35.10 -9.88
C ALA A 52 26.25 34.04 -9.99
N LEU A 53 25.01 34.49 -10.14
CA LEU A 53 23.87 33.58 -10.11
C LEU A 53 23.39 33.14 -11.49
N THR A 54 23.58 34.01 -12.48
CA THR A 54 22.96 33.85 -13.79
C THR A 54 23.66 32.88 -14.74
N GLY A 55 24.98 33.00 -14.84
CA GLY A 55 25.74 32.18 -15.75
C GLY A 55 26.44 31.04 -15.05
N ALA A 56 27.41 30.44 -15.75
CA ALA A 56 28.26 29.42 -15.15
C ALA A 56 28.82 29.97 -13.84
N PRO A 57 28.90 29.11 -12.81
CA PRO A 57 28.47 27.69 -12.83
C PRO A 57 26.97 27.47 -12.61
N LEU A 58 26.38 28.20 -11.66
CA LEU A 58 25.00 27.99 -11.24
C LEU A 58 23.98 27.97 -12.36
N ASN A 59 24.06 28.93 -13.26
CA ASN A 59 23.12 29.06 -14.37
C ASN A 59 21.65 29.06 -13.96
N LEU A 60 21.34 29.83 -12.92
CA LEU A 60 19.95 30.04 -12.54
C LEU A 60 19.28 30.99 -13.52
N THR A 61 18.00 30.78 -13.79
CA THR A 61 17.25 31.71 -14.61
C THR A 61 16.87 32.95 -13.80
N PRO A 62 16.49 34.04 -14.49
CA PRO A 62 16.07 35.23 -13.76
C PRO A 62 14.88 34.92 -12.87
N GLU A 63 13.98 34.07 -13.34
CA GLU A 63 12.79 33.77 -12.55
C GLU A 63 13.17 32.97 -11.30
N GLN A 64 14.16 32.09 -11.40
CA GLN A 64 14.68 31.40 -10.22
C GLN A 64 15.29 32.40 -9.24
N VAL A 65 16.00 33.41 -9.76
CA VAL A 65 16.61 34.39 -8.87
C VAL A 65 15.53 35.17 -8.12
N VAL A 66 14.47 35.52 -8.85
CA VAL A 66 13.34 36.22 -8.25
C VAL A 66 12.64 35.34 -7.20
N ALA A 67 12.49 34.06 -7.47
CA ALA A 67 11.89 33.14 -6.49
C ALA A 67 12.66 33.08 -5.18
N ILE A 68 13.99 33.00 -5.25
CA ILE A 68 14.81 32.93 -4.06
C ILE A 68 14.81 34.26 -3.32
N ALA A 69 14.89 35.35 -4.07
CA ALA A 69 15.02 36.68 -3.46
C ALA A 69 13.74 37.15 -2.75
N SER A 70 12.59 36.66 -3.21
CA SER A 70 11.28 37.20 -2.79
C SER A 70 10.69 36.63 -1.51
N HIS A 71 11.48 36.62 -0.44
CA HIS A 71 11.04 36.12 0.86
C HIS A 71 11.79 36.86 1.94
N ASP A 72 11.26 36.89 3.16
CA ASP A 72 12.03 37.42 4.28
C ASP A 72 13.39 36.70 4.32
N GLY A 73 14.48 37.46 4.43
CA GLY A 73 15.82 36.88 4.43
C GLY A 73 16.34 36.49 3.04
N GLY A 74 15.64 36.93 1.99
CA GLY A 74 16.02 36.62 0.63
C GLY A 74 17.49 36.90 0.38
N LYS A 75 18.00 38.00 0.93
CA LYS A 75 19.42 38.29 0.84
C LYS A 75 20.25 37.12 1.38
N GLN A 76 19.82 36.58 2.52
CA GLN A 76 20.56 35.48 3.14
C GLN A 76 20.49 34.23 2.27
N ALA A 77 19.33 34.00 1.66
CA ALA A 77 19.10 32.80 0.87
C ALA A 77 19.89 32.83 -0.44
N LEU A 78 19.96 34.02 -1.05
CA LEU A 78 20.78 34.21 -2.25
C LEU A 78 22.26 33.90 -2.00
N GLU A 79 22.81 34.38 -0.88
CA GLU A 79 24.21 34.08 -0.52
C GLU A 79 24.43 32.60 -0.30
N THR A 80 23.45 31.95 0.35
CA THR A 80 23.57 30.54 0.71
C THR A 80 23.46 29.64 -0.50
N VAL A 81 22.64 30.04 -1.47
CA VAL A 81 22.44 29.23 -2.65
C VAL A 81 23.69 29.17 -3.52
N GLN A 82 24.39 30.30 -3.65
CA GLN A 82 25.62 30.30 -4.44
C GLN A 82 26.69 29.45 -3.73
N ARG A 83 26.63 29.41 -2.41
CA ARG A 83 27.59 28.66 -1.62
C ARG A 83 27.24 27.16 -1.54
N LEU A 84 25.98 26.85 -1.25
CA LEU A 84 25.58 25.48 -0.97
C LEU A 84 25.01 24.66 -2.13
N LEU A 85 24.58 25.32 -3.20
CA LEU A 85 23.98 24.59 -4.32
C LEU A 85 24.90 23.51 -4.88
N PRO A 86 26.18 23.83 -5.05
CA PRO A 86 27.14 22.84 -5.55
C PRO A 86 27.36 21.73 -4.52
N VAL A 87 27.41 22.10 -3.25
CA VAL A 87 27.63 21.16 -2.17
C VAL A 87 26.48 20.18 -2.02
N LEU A 88 25.28 20.61 -2.34
CA LEU A 88 24.08 19.78 -2.19
C LEU A 88 23.82 18.92 -3.42
N CYS A 89 24.32 19.35 -4.57
CA CYS A 89 24.13 18.60 -5.79
C CYS A 89 25.19 17.52 -5.96
N GLN A 90 26.30 17.66 -5.24
CA GLN A 90 27.40 16.70 -5.34
C GLN A 90 27.50 15.81 -4.11
N ALA A 91 27.24 16.38 -2.94
CA ALA A 91 27.35 15.63 -1.69
C ALA A 91 26.11 14.78 -1.40
N HIS A 92 24.96 15.20 -1.92
CA HIS A 92 23.72 14.51 -1.63
C HIS A 92 22.94 14.11 -2.85
N GLY A 93 23.38 14.56 -4.02
CA GLY A 93 22.75 14.18 -5.27
C GLY A 93 21.45 14.87 -5.58
N LEU A 94 21.22 16.03 -4.98
CA LEU A 94 20.02 16.81 -5.25
C LEU A 94 20.17 17.55 -6.57
N THR A 95 19.05 17.88 -7.21
CA THR A 95 19.10 18.69 -8.42
C THR A 95 19.11 20.18 -8.07
N PRO A 96 19.48 21.04 -9.05
CA PRO A 96 19.39 22.48 -8.82
C PRO A 96 17.96 22.90 -8.53
N GLN A 97 17.00 22.31 -9.23
CA GLN A 97 15.59 22.67 -9.05
C GLN A 97 15.14 22.39 -7.62
N GLN A 98 15.69 21.33 -7.03
CA GLN A 98 15.38 20.97 -5.65
C GLN A 98 15.99 21.96 -4.67
N VAL A 99 17.21 22.39 -4.95
CA VAL A 99 17.88 23.38 -4.11
C VAL A 99 17.13 24.72 -4.17
N VAL A 100 16.72 25.10 -5.37
CA VAL A 100 15.96 26.35 -5.54
C VAL A 100 14.61 26.30 -4.82
N ALA A 101 13.92 25.17 -4.90
CA ALA A 101 12.68 24.97 -4.17
C ALA A 101 12.88 25.13 -2.66
N ILE A 102 13.96 24.55 -2.15
CA ILE A 102 14.26 24.66 -0.73
C ILE A 102 14.55 26.11 -0.35
N ALA A 103 15.29 26.81 -1.23
CA ALA A 103 15.71 28.18 -0.93
C ALA A 103 14.57 29.19 -0.99
N SER A 104 13.49 28.84 -1.69
CA SER A 104 12.43 29.80 -2.02
C SER A 104 11.33 29.92 -0.95
N HIS A 105 11.74 30.10 0.30
CA HIS A 105 10.83 30.29 1.43
C HIS A 105 11.47 31.24 2.43
N ASP A 106 10.66 31.89 3.29
CA ASP A 106 11.27 32.66 4.37
C ASP A 106 12.29 31.76 5.11
N GLY A 107 13.49 32.30 5.37
CA GLY A 107 14.50 31.57 6.12
C GLY A 107 15.13 30.44 5.31
N GLY A 108 15.09 30.58 3.98
CA GLY A 108 15.64 29.58 3.09
C GLY A 108 17.09 29.25 3.41
N LYS A 109 17.83 30.22 3.95
CA LYS A 109 19.21 29.95 4.41
C LYS A 109 19.25 28.85 5.44
N GLN A 110 18.39 28.96 6.46
CA GLN A 110 18.34 28.02 7.54
C GLN A 110 17.97 26.63 7.02
N ALA A 111 16.98 26.57 6.12
CA ALA A 111 16.54 25.30 5.52
C ALA A 111 17.65 24.62 4.72
N LEU A 112 18.28 25.37 3.82
CA LEU A 112 19.43 24.85 3.06
C LEU A 112 20.54 24.30 3.96
N GLU A 113 20.92 25.08 4.97
CA GLU A 113 22.01 24.66 5.85
C GLU A 113 21.63 23.42 6.64
N THR A 114 20.34 23.32 6.98
CA THR A 114 19.87 22.21 7.79
C THR A 114 19.75 20.94 6.97
N VAL A 115 19.42 21.09 5.70
CA VAL A 115 19.34 19.97 4.78
C VAL A 115 20.76 19.43 4.57
N GLN A 116 21.71 20.34 4.45
CA GLN A 116 23.12 19.97 4.35
C GLN A 116 23.55 19.15 5.57
N ARG A 117 23.18 19.61 6.74
CA ARG A 117 23.60 18.99 7.98
C ARG A 117 22.85 17.72 8.36
N LEU A 118 21.56 17.66 8.04
CA LEU A 118 20.71 16.58 8.53
C LEU A 118 20.34 15.50 7.52
N LEU A 119 20.50 15.77 6.23
CA LEU A 119 20.06 14.83 5.21
C LEU A 119 20.63 13.42 5.40
N PRO A 120 21.92 13.31 5.65
CA PRO A 120 22.55 12.00 5.81
C PRO A 120 21.95 11.21 6.97
N VAL A 121 21.84 11.85 8.13
CA VAL A 121 21.32 11.18 9.31
C VAL A 121 19.84 10.83 9.16
N LEU A 122 19.10 11.66 8.43
CA LEU A 122 17.68 11.41 8.21
C LEU A 122 17.46 10.24 7.27
N CYS A 123 18.33 10.10 6.28
CA CYS A 123 18.20 9.04 5.29
C CYS A 123 18.83 7.73 5.79
N GLN A 124 19.90 7.85 6.58
CA GLN A 124 20.61 6.68 7.07
C GLN A 124 19.95 6.09 8.30
N ALA A 125 19.94 6.85 9.39
CA ALA A 125 19.44 6.37 10.67
C ALA A 125 17.92 6.34 10.77
N HIS A 126 17.24 7.15 9.94
CA HIS A 126 15.80 7.28 10.05
C HIS A 126 15.03 6.68 8.90
N GLY A 127 15.73 6.36 7.81
CA GLY A 127 15.12 5.66 6.70
C GLY A 127 14.37 6.51 5.70
N LEU A 128 14.41 7.82 5.87
CA LEU A 128 13.76 8.72 4.93
C LEU A 128 14.52 8.78 3.61
N THR A 129 13.81 9.10 2.53
CA THR A 129 14.47 9.34 1.25
C THR A 129 14.82 10.82 1.11
N PRO A 130 15.74 11.14 0.19
CA PRO A 130 16.09 12.54 -0.10
C PRO A 130 14.88 13.35 -0.54
N GLU A 131 14.01 12.75 -1.35
CA GLU A 131 12.78 13.43 -1.78
C GLU A 131 11.91 13.86 -0.60
N GLN A 132 11.81 12.97 0.40
CA GLN A 132 11.05 13.27 1.61
C GLN A 132 11.72 14.39 2.40
N VAL A 133 13.05 14.41 2.39
CA VAL A 133 13.77 15.44 3.14
C VAL A 133 13.59 16.80 2.47
N VAL A 134 13.64 16.81 1.15
CA VAL A 134 13.40 18.03 0.38
C VAL A 134 11.99 18.58 0.61
N ALA A 135 11.00 17.70 0.59
CA ALA A 135 9.62 18.09 0.84
C ALA A 135 9.43 18.70 2.22
N ILE A 136 10.03 18.09 3.24
CA ILE A 136 9.93 18.65 4.58
C ILE A 136 10.59 20.03 4.62
N ALA A 137 11.72 20.15 3.93
CA ALA A 137 12.52 21.37 3.99
C ALA A 137 11.89 22.53 3.23
N SER A 138 11.01 22.20 2.29
CA SER A 138 10.51 23.18 1.31
C SER A 138 9.28 23.95 1.79
N HIS A 139 9.37 24.47 3.01
CA HIS A 139 8.32 25.31 3.61
C HIS A 139 8.96 26.33 4.53
N ASP A 140 8.30 27.45 4.77
CA ASP A 140 8.74 28.31 5.88
C ASP A 140 9.00 27.47 7.15
N GLY A 141 10.12 27.75 7.82
CA GLY A 141 10.46 27.06 9.06
C GLY A 141 10.93 25.64 8.80
N GLY A 142 11.33 25.37 7.56
CA GLY A 142 11.81 24.04 7.19
C GLY A 142 12.89 23.48 8.09
N LYS A 143 13.79 24.35 8.55
CA LYS A 143 14.80 23.95 9.53
C LYS A 143 14.16 23.34 10.77
N GLN A 144 13.14 24.00 11.31
CA GLN A 144 12.45 23.50 12.49
C GLN A 144 11.77 22.14 12.26
N ALA A 145 11.11 22.00 11.12
CA ALA A 145 10.43 20.74 10.77
C ALA A 145 11.43 19.60 10.63
N LEU A 146 12.56 19.87 9.98
CA LEU A 146 13.61 18.87 9.80
C LEU A 146 14.16 18.43 11.15
N GLU A 147 14.47 19.39 12.02
CA GLU A 147 15.01 19.05 13.34
C GLU A 147 13.99 18.28 14.15
N THR A 148 12.71 18.63 14.00
CA THR A 148 11.68 17.99 14.80
C THR A 148 11.41 16.56 14.30
N VAL A 149 11.47 16.36 12.99
CA VAL A 149 11.35 15.02 12.42
C VAL A 149 12.49 14.16 12.93
N GLN A 150 13.71 14.68 12.88
CA GLN A 150 14.85 13.94 13.42
C GLN A 150 14.61 13.54 14.88
N ALA A 151 14.13 14.48 15.67
CA ALA A 151 13.93 14.27 17.10
C ALA A 151 12.73 13.38 17.42
N LEU A 152 11.67 13.46 16.63
CA LEU A 152 10.39 12.85 17.02
C LEU A 152 9.91 11.65 16.21
N LEU A 153 10.58 11.36 15.09
CA LEU A 153 10.12 10.28 14.22
C LEU A 153 10.00 8.97 15.00
N PRO A 154 11.00 8.66 15.84
CA PRO A 154 10.94 7.42 16.64
C PRO A 154 9.74 7.36 17.56
N VAL A 155 9.58 8.33 18.44
CA VAL A 155 8.49 8.30 19.40
C VAL A 155 7.13 8.36 18.71
N LEU A 156 7.06 9.03 17.56
CA LEU A 156 5.78 9.09 16.85
C LEU A 156 5.38 7.75 16.23
N CYS A 157 6.36 7.03 15.72
CA CYS A 157 6.10 5.73 15.10
C CYS A 157 5.91 4.64 16.15
N GLN A 158 6.75 4.69 17.19
CA GLN A 158 6.80 3.66 18.22
C GLN A 158 5.76 3.83 19.30
N ALA A 159 5.81 4.96 20.01
CA ALA A 159 4.87 5.21 21.10
C ALA A 159 3.48 5.64 20.59
N HIS A 160 3.38 6.06 19.34
CA HIS A 160 2.09 6.57 18.88
C HIS A 160 1.51 5.90 17.65
N GLY A 161 2.28 4.97 17.08
CA GLY A 161 1.79 4.11 16.02
C GLY A 161 1.63 4.75 14.65
N LEU A 162 2.17 5.95 14.44
CA LEU A 162 2.14 6.57 13.10
C LEU A 162 3.17 5.90 12.20
N THR A 163 2.93 5.96 10.88
CA THR A 163 3.93 5.47 9.92
C THR A 163 4.90 6.61 9.62
N PRO A 164 6.10 6.28 9.11
CA PRO A 164 7.02 7.36 8.74
C PRO A 164 6.39 8.26 7.68
N GLU A 165 5.57 7.68 6.80
CA GLU A 165 4.90 8.48 5.77
C GLU A 165 3.93 9.49 6.36
N GLN A 166 3.23 9.09 7.42
CA GLN A 166 2.30 10.01 8.08
C GLN A 166 3.05 11.13 8.78
N VAL A 167 4.20 10.79 9.34
CA VAL A 167 5.02 11.79 10.03
C VAL A 167 5.57 12.82 9.03
N VAL A 168 6.02 12.33 7.88
CA VAL A 168 6.49 13.21 6.81
C VAL A 168 5.35 14.12 6.31
N ALA A 169 4.16 13.56 6.20
CA ALA A 169 3.01 14.31 5.72
C ALA A 169 2.68 15.45 6.67
N ILE A 170 2.74 15.17 7.97
CA ILE A 170 2.50 16.21 8.97
C ILE A 170 3.60 17.27 8.92
N ALA A 171 4.83 16.82 8.81
CA ALA A 171 5.97 17.74 8.81
C ALA A 171 6.01 18.62 7.56
N SER A 172 5.42 18.14 6.47
CA SER A 172 5.50 18.83 5.18
C SER A 172 4.48 19.96 5.03
N ASN A 173 4.38 20.79 6.06
CA ASN A 173 3.52 21.97 6.02
C ASN A 173 4.19 23.09 6.80
N GLY A 174 3.83 24.34 6.48
CA GLY A 174 4.28 25.46 7.28
C GLY A 174 3.87 25.20 8.71
N GLY A 175 4.76 25.48 9.65
CA GLY A 175 4.48 25.21 11.05
C GLY A 175 4.58 23.73 11.37
N GLY A 176 5.24 22.98 10.50
CA GLY A 176 5.40 21.54 10.69
C GLY A 176 5.79 21.15 12.10
N LYS A 177 6.82 21.80 12.62
CA LYS A 177 7.30 21.54 13.99
C LYS A 177 6.16 21.62 15.03
N GLN A 178 5.36 22.67 14.95
CA GLN A 178 4.22 22.80 15.86
C GLN A 178 3.20 21.66 15.70
N ALA A 179 2.91 21.30 14.46
CA ALA A 179 1.96 20.21 14.20
C ALA A 179 2.48 18.89 14.77
N LEU A 180 3.76 18.62 14.55
CA LEU A 180 4.35 17.37 15.07
C LEU A 180 4.27 17.31 16.60
N GLU A 181 4.62 18.40 17.27
CA GLU A 181 4.66 18.40 18.73
C GLU A 181 3.25 18.25 19.28
N THR A 182 2.29 18.81 18.56
CA THR A 182 0.91 18.79 19.02
C THR A 182 0.26 17.44 18.80
N VAL A 183 0.61 16.80 17.69
CA VAL A 183 0.13 15.44 17.45
C VAL A 183 0.67 14.52 18.52
N GLN A 184 1.96 14.65 18.85
CA GLN A 184 2.53 13.84 19.93
C GLN A 184 1.68 13.93 21.20
N ARG A 185 1.32 15.16 21.58
CA ARG A 185 0.57 15.38 22.81
C ARG A 185 -0.89 14.98 22.73
N LEU A 186 -1.54 15.26 21.60
CA LEU A 186 -2.99 15.13 21.51
C LEU A 186 -3.52 13.85 20.86
N LEU A 187 -2.64 13.06 20.25
CA LEU A 187 -3.08 11.85 19.56
C LEU A 187 -3.90 10.93 20.48
N PRO A 188 -3.35 10.61 21.66
CA PRO A 188 -4.08 9.72 22.60
C PRO A 188 -5.38 10.34 23.08
N VAL A 189 -5.38 11.65 23.28
CA VAL A 189 -6.56 12.37 23.74
C VAL A 189 -7.69 12.35 22.72
N LEU A 190 -7.37 12.70 21.48
CA LEU A 190 -8.39 12.75 20.43
C LEU A 190 -8.88 11.35 20.06
N CYS A 191 -7.99 10.38 20.07
CA CYS A 191 -8.36 9.03 19.71
C CYS A 191 -9.21 8.38 20.82
N GLN A 192 -8.72 8.43 22.05
CA GLN A 192 -9.35 7.76 23.18
C GLN A 192 -10.55 8.49 23.78
N ALA A 193 -10.46 9.82 23.86
CA ALA A 193 -11.58 10.58 24.41
C ALA A 193 -12.68 10.74 23.37
N HIS A 194 -12.30 10.90 22.11
CA HIS A 194 -13.29 11.27 21.09
C HIS A 194 -13.48 10.26 19.98
N GLY A 195 -12.70 9.20 19.99
CA GLY A 195 -12.96 8.08 19.10
C GLY A 195 -12.41 8.27 17.70
N LEU A 196 -11.64 9.35 17.50
CA LEU A 196 -11.00 9.57 16.22
C LEU A 196 -9.96 8.50 15.93
N THR A 197 -9.83 8.11 14.68
CA THR A 197 -8.72 7.26 14.30
C THR A 197 -7.48 8.11 14.12
N PRO A 198 -6.31 7.51 14.30
CA PRO A 198 -5.02 8.12 13.98
C PRO A 198 -5.04 8.74 12.58
N GLN A 199 -5.67 8.07 11.63
CA GLN A 199 -5.79 8.58 10.27
C GLN A 199 -6.46 9.95 10.25
N GLN A 200 -7.58 10.07 10.94
CA GLN A 200 -8.30 11.34 11.03
C GLN A 200 -7.44 12.42 11.71
N VAL A 201 -6.69 12.03 12.73
CA VAL A 201 -5.87 12.99 13.44
C VAL A 201 -4.72 13.46 12.56
N VAL A 202 -4.08 12.52 11.88
CA VAL A 202 -3.07 12.87 10.88
C VAL A 202 -3.65 13.85 9.85
N ALA A 203 -4.87 13.61 9.41
CA ALA A 203 -5.50 14.48 8.40
C ALA A 203 -5.70 15.90 8.92
N ILE A 204 -6.15 16.02 10.18
CA ILE A 204 -6.26 17.34 10.79
C ILE A 204 -4.88 17.99 10.92
N ALA A 205 -3.87 17.22 11.29
CA ALA A 205 -2.54 17.77 11.51
C ALA A 205 -1.82 18.10 10.22
N SER A 206 -2.24 17.47 9.12
CA SER A 206 -1.52 17.56 7.86
C SER A 206 -1.92 18.76 7.00
N ASN A 207 -1.95 19.93 7.62
CA ASN A 207 -2.21 21.17 6.91
C ASN A 207 -1.45 22.31 7.57
N GLY A 208 -1.37 23.45 6.90
CA GLY A 208 -0.83 24.64 7.52
C GLY A 208 -1.73 24.98 8.68
N GLY A 209 -1.14 25.39 9.81
CA GLY A 209 -1.91 25.68 10.99
C GLY A 209 -2.45 24.41 11.64
N GLY A 210 -1.73 23.31 11.45
CA GLY A 210 -2.12 22.03 12.01
C GLY A 210 -2.34 22.09 13.51
N LYS A 211 -1.37 22.64 14.22
CA LYS A 211 -1.46 22.75 15.67
C LYS A 211 -2.76 23.43 16.08
N GLN A 212 -3.06 24.55 15.45
CA GLN A 212 -4.27 25.30 15.78
C GLN A 212 -5.53 24.47 15.55
N ALA A 213 -5.60 23.75 14.43
CA ALA A 213 -6.77 22.94 14.14
C ALA A 213 -6.91 21.78 15.15
N LEU A 214 -5.79 21.14 15.48
CA LEU A 214 -5.79 20.03 16.44
C LEU A 214 -6.29 20.46 17.82
N GLU A 215 -5.75 21.57 18.32
CA GLU A 215 -6.17 22.09 19.62
C GLU A 215 -7.63 22.56 19.59
N THR A 216 -8.09 23.05 18.45
CA THR A 216 -9.47 23.52 18.35
C THR A 216 -10.47 22.36 18.27
N VAL A 217 -10.05 21.27 17.64
CA VAL A 217 -10.89 20.08 17.60
C VAL A 217 -11.05 19.52 19.01
N GLN A 218 -9.95 19.44 19.74
CA GLN A 218 -9.98 19.01 21.14
C GLN A 218 -10.95 19.86 21.97
N ARG A 219 -10.92 21.16 21.76
CA ARG A 219 -11.72 22.07 22.55
C ARG A 219 -13.20 22.04 22.18
N LEU A 220 -13.48 22.01 20.88
CA LEU A 220 -14.84 22.21 20.38
C LEU A 220 -15.61 20.94 20.02
N LEU A 221 -14.91 19.83 19.85
CA LEU A 221 -15.57 18.61 19.42
C LEU A 221 -16.81 18.30 20.27
N PRO A 222 -16.64 18.31 21.59
CA PRO A 222 -17.76 18.04 22.51
C PRO A 222 -18.94 18.98 22.27
N VAL A 223 -18.68 20.28 22.29
CA VAL A 223 -19.71 21.28 22.12
C VAL A 223 -20.44 21.17 20.77
N LEU A 224 -19.70 20.88 19.71
CA LEU A 224 -20.27 20.83 18.37
C LEU A 224 -21.10 19.57 18.14
N CYS A 225 -20.68 18.48 18.74
CA CYS A 225 -21.34 17.19 18.52
C CYS A 225 -22.54 16.96 19.41
N GLN A 226 -22.61 17.67 20.53
CA GLN A 226 -23.72 17.51 21.46
C GLN A 226 -24.83 18.51 21.14
N ALA A 227 -24.50 19.79 21.22
CA ALA A 227 -25.46 20.86 21.04
C ALA A 227 -25.99 20.94 19.61
N HIS A 228 -25.08 21.01 18.65
CA HIS A 228 -25.45 21.29 17.26
C HIS A 228 -25.83 20.05 16.47
N GLY A 229 -25.37 18.89 16.95
CA GLY A 229 -25.70 17.64 16.30
C GLY A 229 -24.82 17.34 15.11
N LEU A 230 -23.65 17.98 15.05
CA LEU A 230 -22.65 17.62 14.07
C LEU A 230 -22.05 16.29 14.52
N THR A 231 -21.53 15.52 13.57
CA THR A 231 -20.86 14.27 13.91
C THR A 231 -19.35 14.50 13.93
N PRO A 232 -18.62 13.59 14.58
CA PRO A 232 -17.16 13.61 14.57
C PRO A 232 -16.63 13.71 13.14
N GLN A 233 -17.21 12.95 12.21
CA GLN A 233 -16.79 13.01 10.81
C GLN A 233 -16.92 14.42 10.24
N GLN A 234 -18.02 15.10 10.52
CA GLN A 234 -18.20 16.45 10.01
C GLN A 234 -17.22 17.43 10.65
N VAL A 235 -16.94 17.24 11.94
CA VAL A 235 -15.97 18.09 12.62
C VAL A 235 -14.56 17.88 12.05
N VAL A 236 -14.19 16.62 11.84
CA VAL A 236 -12.91 16.29 11.21
C VAL A 236 -12.84 16.94 9.82
N ALA A 237 -13.95 16.91 9.09
CA ALA A 237 -13.95 17.46 7.74
C ALA A 237 -13.74 18.97 7.73
N ILE A 238 -14.36 19.65 8.67
CA ILE A 238 -14.18 21.09 8.81
C ILE A 238 -12.74 21.41 9.22
N ALA A 239 -12.20 20.61 10.14
CA ALA A 239 -10.86 20.85 10.68
C ALA A 239 -9.77 20.57 9.64
N SER A 240 -10.09 19.73 8.67
CA SER A 240 -9.07 19.23 7.75
C SER A 240 -8.69 20.17 6.60
N ASN A 241 -8.64 21.46 6.89
CA ASN A 241 -8.12 22.47 5.95
C ASN A 241 -7.25 23.50 6.64
N GLY A 242 -6.44 24.22 5.87
CA GLY A 242 -5.73 25.36 6.40
C GLY A 242 -6.78 26.27 7.02
N GLY A 243 -6.45 26.87 8.15
CA GLY A 243 -7.39 27.71 8.87
C GLY A 243 -8.52 26.91 9.47
N GLY A 244 -8.28 25.61 9.65
CA GLY A 244 -9.28 24.73 10.24
C GLY A 244 -9.87 25.31 11.51
N LYS A 245 -9.01 25.87 12.36
CA LYS A 245 -9.45 26.47 13.62
C LYS A 245 -10.50 27.56 13.39
N GLN A 246 -10.22 28.45 12.45
CA GLN A 246 -11.14 29.53 12.13
C GLN A 246 -12.48 29.02 11.61
N ALA A 247 -12.42 27.97 10.80
CA ALA A 247 -13.63 27.36 10.24
C ALA A 247 -14.50 26.75 11.34
N LEU A 248 -13.87 25.97 12.20
CA LEU A 248 -14.58 25.36 13.33
C LEU A 248 -15.24 26.42 14.22
N GLU A 249 -14.49 27.46 14.59
CA GLU A 249 -15.06 28.50 15.45
C GLU A 249 -16.19 29.26 14.77
N THR A 250 -16.13 29.37 13.45
CA THR A 250 -17.17 30.08 12.73
C THR A 250 -18.41 29.22 12.57
N VAL A 251 -18.21 27.91 12.46
CA VAL A 251 -19.32 26.98 12.40
C VAL A 251 -20.14 27.05 13.68
N GLN A 252 -19.47 27.06 14.83
CA GLN A 252 -20.15 27.15 16.10
C GLN A 252 -21.04 28.40 16.14
N ARG A 253 -20.52 29.51 15.64
CA ARG A 253 -21.25 30.78 15.65
C ARG A 253 -22.41 30.80 14.66
N LEU A 254 -22.14 30.40 13.43
CA LEU A 254 -23.07 30.64 12.33
C LEU A 254 -24.01 29.49 11.96
N LEU A 255 -23.74 28.29 12.46
CA LEU A 255 -24.58 27.15 12.11
C LEU A 255 -26.05 27.45 12.38
N PRO A 256 -26.37 27.83 13.61
CA PRO A 256 -27.74 28.15 14.00
C PRO A 256 -28.29 29.35 13.23
N VAL A 257 -27.46 30.36 13.01
CA VAL A 257 -27.88 31.54 12.29
C VAL A 257 -28.27 31.19 10.86
N LEU A 258 -27.44 30.40 10.19
CA LEU A 258 -27.69 30.00 8.81
C LEU A 258 -28.89 29.07 8.70
N CYS A 259 -29.00 28.14 9.65
CA CYS A 259 -30.09 27.17 9.64
C CYS A 259 -31.46 27.80 9.94
N GLN A 260 -31.52 28.71 10.90
CA GLN A 260 -32.77 29.39 11.25
C GLN A 260 -33.19 30.42 10.22
N ALA A 261 -32.32 31.40 9.96
CA ALA A 261 -32.67 32.53 9.12
C ALA A 261 -32.81 32.19 7.63
N HIS A 262 -32.09 31.17 7.17
CA HIS A 262 -32.09 30.85 5.73
C HIS A 262 -32.51 29.43 5.42
N GLY A 263 -32.64 28.60 6.46
CA GLY A 263 -33.12 27.24 6.26
C GLY A 263 -32.12 26.26 5.68
N LEU A 264 -30.84 26.62 5.65
CA LEU A 264 -29.82 25.64 5.31
C LEU A 264 -29.88 24.49 6.31
N THR A 265 -29.38 23.33 5.89
CA THR A 265 -29.22 22.20 6.78
C THR A 265 -27.80 22.21 7.34
N PRO A 266 -27.56 21.43 8.38
CA PRO A 266 -26.20 21.30 8.93
C PRO A 266 -25.26 20.79 7.85
N GLN A 267 -25.78 19.89 7.02
CA GLN A 267 -25.04 19.34 5.91
C GLN A 267 -24.48 20.44 5.01
N GLN A 268 -25.32 21.40 4.65
CA GLN A 268 -24.90 22.47 3.76
C GLN A 268 -23.88 23.39 4.45
N VAL A 269 -24.08 23.64 5.73
CA VAL A 269 -23.16 24.46 6.50
C VAL A 269 -21.77 23.85 6.52
N VAL A 270 -21.72 22.55 6.78
CA VAL A 270 -20.45 21.83 6.87
C VAL A 270 -19.70 21.87 5.53
N ALA A 271 -20.45 21.70 4.45
CA ALA A 271 -19.90 21.77 3.10
C ALA A 271 -19.23 23.13 2.84
N ILE A 272 -19.90 24.21 3.25
CA ILE A 272 -19.38 25.55 3.08
C ILE A 272 -18.13 25.73 3.94
N ALA A 273 -18.12 25.12 5.11
CA ALA A 273 -17.03 25.32 6.07
C ALA A 273 -15.79 24.49 5.72
N SER A 274 -16.00 23.43 4.93
CA SER A 274 -14.96 22.44 4.70
C SER A 274 -14.06 22.82 3.51
N ASN A 275 -13.64 24.07 3.47
CA ASN A 275 -12.65 24.51 2.49
C ASN A 275 -11.67 25.47 3.17
N SER A 276 -10.55 25.72 2.50
CA SER A 276 -9.70 26.84 2.87
C SER A 276 -10.59 28.08 2.89
N GLY A 277 -10.46 28.90 3.93
CA GLY A 277 -11.25 30.11 4.01
C GLY A 277 -12.70 29.85 4.37
N GLY A 278 -12.98 28.68 4.92
CA GLY A 278 -14.33 28.34 5.34
C GLY A 278 -14.97 29.42 6.19
N LYS A 279 -14.21 30.01 7.10
CA LYS A 279 -14.75 31.11 7.91
C LYS A 279 -15.30 32.21 7.03
N GLN A 280 -14.51 32.64 6.06
CA GLN A 280 -14.90 33.75 5.21
C GLN A 280 -16.11 33.38 4.38
N ALA A 281 -16.14 32.15 3.89
CA ALA A 281 -17.28 31.64 3.14
C ALA A 281 -18.59 31.71 3.92
N LEU A 282 -18.59 31.15 5.12
CA LEU A 282 -19.77 31.20 6.00
C LEU A 282 -20.24 32.62 6.29
N GLU A 283 -19.33 33.50 6.69
CA GLU A 283 -19.71 34.87 7.02
C GLU A 283 -20.28 35.57 5.81
N THR A 284 -19.77 35.25 4.63
CA THR A 284 -20.25 35.92 3.43
C THR A 284 -21.63 35.42 3.01
N VAL A 285 -21.89 34.14 3.24
CA VAL A 285 -23.19 33.56 2.92
C VAL A 285 -24.26 34.22 3.78
N GLN A 286 -23.91 34.52 5.02
CA GLN A 286 -24.83 35.16 5.95
C GLN A 286 -25.18 36.59 5.52
N ARG A 287 -24.21 37.36 5.05
CA ARG A 287 -24.49 38.73 4.68
C ARG A 287 -24.99 38.89 3.25
N LEU A 288 -24.74 37.90 2.40
CA LEU A 288 -25.00 38.08 0.97
C LEU A 288 -26.17 37.26 0.40
N LEU A 289 -26.51 36.17 1.04
CA LEU A 289 -27.54 35.27 0.50
C LEU A 289 -28.84 36.00 0.17
N PRO A 290 -29.39 36.77 1.14
CA PRO A 290 -30.65 37.46 0.87
C PRO A 290 -30.51 38.48 -0.25
N VAL A 291 -29.35 39.12 -0.33
CA VAL A 291 -29.06 40.06 -1.42
C VAL A 291 -29.08 39.36 -2.78
N LEU A 292 -28.43 38.20 -2.85
CA LEU A 292 -28.35 37.42 -4.09
C LEU A 292 -29.71 36.86 -4.48
N CYS A 293 -30.48 36.45 -3.48
CA CYS A 293 -31.75 35.76 -3.72
C CYS A 293 -32.95 36.69 -3.95
N GLN A 294 -32.80 37.97 -3.63
CA GLN A 294 -33.91 38.91 -3.76
C GLN A 294 -34.07 39.42 -5.18
N GLY A 297 -34.02 36.65 -7.98
CA GLY A 297 -32.63 36.43 -8.36
C GLY A 297 -32.22 34.98 -8.18
N LEU A 298 -30.96 34.76 -7.81
CA LEU A 298 -30.45 33.43 -7.53
C LEU A 298 -31.31 32.70 -6.51
N THR A 299 -31.19 31.38 -6.49
CA THR A 299 -31.86 30.58 -5.46
C THR A 299 -30.89 30.33 -4.31
N PRO A 300 -31.44 30.04 -3.11
CA PRO A 300 -30.65 29.59 -1.96
C PRO A 300 -29.66 28.48 -2.35
N GLN A 301 -30.18 27.45 -3.01
CA GLN A 301 -29.40 26.28 -3.36
C GLN A 301 -28.17 26.60 -4.21
N GLN A 302 -28.32 27.58 -5.10
CA GLN A 302 -27.23 28.04 -5.95
C GLN A 302 -26.17 28.78 -5.12
N VAL A 303 -26.62 29.62 -4.21
CA VAL A 303 -25.69 30.35 -3.35
C VAL A 303 -24.84 29.36 -2.55
N VAL A 304 -25.47 28.31 -2.04
CA VAL A 304 -24.77 27.30 -1.27
C VAL A 304 -23.69 26.62 -2.11
N ALA A 305 -24.01 26.37 -3.39
CA ALA A 305 -23.08 25.66 -4.25
C ALA A 305 -21.84 26.49 -4.47
N ILE A 306 -22.04 27.78 -4.75
CA ILE A 306 -20.93 28.70 -4.96
C ILE A 306 -20.06 28.78 -3.71
N ALA A 307 -20.72 28.89 -2.55
CA ALA A 307 -20.02 29.04 -1.28
C ALA A 307 -19.20 27.81 -0.91
N SER A 308 -19.62 26.66 -1.43
CA SER A 308 -19.05 25.37 -1.02
C SER A 308 -17.71 25.00 -1.67
N ASN A 309 -16.97 26.00 -2.12
CA ASN A 309 -15.63 25.79 -2.66
C ASN A 309 -14.62 26.73 -2.01
N GLY A 310 -13.34 26.38 -2.10
CA GLY A 310 -12.31 27.24 -1.57
C GLY A 310 -12.42 28.60 -2.25
N GLY A 311 -12.21 29.66 -1.48
CA GLY A 311 -12.40 31.01 -1.99
C GLY A 311 -13.87 31.32 -2.17
N GLY A 312 -14.70 30.67 -1.37
CA GLY A 312 -16.14 30.85 -1.41
C GLY A 312 -16.54 32.31 -1.36
N LYS A 313 -15.95 33.06 -0.43
CA LYS A 313 -16.23 34.49 -0.29
C LYS A 313 -16.00 35.25 -1.59
N GLN A 314 -14.85 35.02 -2.20
CA GLN A 314 -14.46 35.75 -3.40
C GLN A 314 -15.44 35.51 -4.56
N ALA A 315 -15.83 34.25 -4.72
CA ALA A 315 -16.78 33.86 -5.77
C ALA A 315 -18.17 34.48 -5.53
N LEU A 316 -18.65 34.39 -4.30
CA LEU A 316 -19.92 35.06 -3.93
C LEU A 316 -19.90 36.55 -4.22
N GLU A 317 -18.83 37.23 -3.80
CA GLU A 317 -18.74 38.67 -4.02
C GLU A 317 -18.62 39.00 -5.49
N THR A 318 -17.90 38.17 -6.23
CA THR A 318 -17.71 38.43 -7.66
C THR A 318 -19.00 38.19 -8.44
N VAL A 319 -19.76 37.19 -8.06
CA VAL A 319 -21.05 36.93 -8.68
C VAL A 319 -21.98 38.11 -8.47
N GLN A 320 -22.00 38.64 -7.24
CA GLN A 320 -22.81 39.80 -6.93
C GLN A 320 -22.47 40.95 -7.87
N ARG A 321 -21.18 41.13 -8.13
CA ARG A 321 -20.72 42.25 -8.95
C ARG A 321 -20.90 42.04 -10.45
N LEU A 322 -20.71 40.81 -10.92
CA LEU A 322 -20.67 40.55 -12.35
C LEU A 322 -21.89 39.83 -12.92
N LEU A 323 -22.72 39.25 -12.05
CA LEU A 323 -23.88 38.51 -12.52
C LEU A 323 -24.67 39.31 -13.56
N PRO A 324 -24.92 40.58 -13.27
CA PRO A 324 -25.71 41.44 -14.17
C PRO A 324 -25.00 41.76 -15.48
N VAL A 325 -23.74 42.15 -15.42
CA VAL A 325 -23.00 42.54 -16.61
C VAL A 325 -22.70 41.34 -17.51
N LEU A 326 -22.57 40.17 -16.91
CA LEU A 326 -22.29 38.95 -17.67
C LEU A 326 -23.54 38.47 -18.39
N CYS A 327 -24.68 38.59 -17.72
CA CYS A 327 -25.95 38.18 -18.30
C CYS A 327 -26.45 39.20 -19.31
N GLN A 328 -26.23 40.47 -19.04
CA GLN A 328 -26.66 41.52 -19.95
C GLN A 328 -25.72 41.63 -21.14
N ALA A 329 -24.53 42.18 -20.92
CA ALA A 329 -23.60 42.46 -21.99
C ALA A 329 -23.08 41.22 -22.73
N HIS A 330 -22.92 40.11 -22.01
CA HIS A 330 -22.28 38.93 -22.59
C HIS A 330 -23.22 37.79 -22.91
N GLY A 331 -24.51 37.98 -22.65
CA GLY A 331 -25.52 37.01 -23.02
C GLY A 331 -25.40 35.64 -22.36
N LEU A 332 -24.99 35.62 -21.10
CA LEU A 332 -24.94 34.38 -20.33
C LEU A 332 -26.19 34.26 -19.47
N THR A 333 -26.53 33.03 -19.08
CA THR A 333 -27.62 32.82 -18.14
C THR A 333 -27.08 32.76 -16.71
N PRO A 334 -27.96 32.99 -15.73
CA PRO A 334 -27.60 32.84 -14.32
C PRO A 334 -27.07 31.45 -13.99
N GLN A 335 -27.60 30.42 -14.64
CA GLN A 335 -27.14 29.06 -14.40
C GLN A 335 -25.71 28.87 -14.88
N GLN A 336 -25.32 29.59 -15.93
CA GLN A 336 -23.96 29.49 -16.46
C GLN A 336 -22.98 30.25 -15.56
N VAL A 337 -23.40 31.41 -15.09
CA VAL A 337 -22.57 32.18 -14.18
C VAL A 337 -22.35 31.41 -12.90
N VAL A 338 -23.39 30.74 -12.42
CA VAL A 338 -23.27 29.93 -11.21
C VAL A 338 -22.32 28.76 -11.42
N ALA A 339 -22.41 28.12 -12.59
CA ALA A 339 -21.52 27.03 -12.92
C ALA A 339 -20.06 27.49 -12.94
N ILE A 340 -19.79 28.64 -13.51
CA ILE A 340 -18.41 29.14 -13.57
C ILE A 340 -17.89 29.42 -12.15
N ALA A 341 -18.77 29.98 -11.33
CA ALA A 341 -18.44 30.36 -9.95
C ALA A 341 -18.20 29.19 -8.98
N SER A 342 -18.76 28.02 -9.29
CA SER A 342 -18.76 26.93 -8.34
C SER A 342 -17.53 26.02 -8.41
N HIS A 343 -16.36 26.64 -8.38
CA HIS A 343 -15.11 25.92 -8.33
C HIS A 343 -14.10 26.75 -7.57
N ASP A 344 -13.06 26.10 -7.05
CA ASP A 344 -11.96 26.85 -6.45
C ASP A 344 -11.53 27.90 -7.46
N GLY A 345 -11.35 29.14 -7.00
CA GLY A 345 -10.92 30.20 -7.89
C GLY A 345 -12.02 30.75 -8.78
N GLY A 346 -13.27 30.47 -8.42
CA GLY A 346 -14.41 30.98 -9.15
C GLY A 346 -14.30 32.45 -9.54
N LYS A 347 -13.85 33.27 -8.60
CA LYS A 347 -13.64 34.69 -8.90
C LYS A 347 -12.70 34.92 -10.07
N GLN A 348 -11.58 34.21 -10.09
CA GLN A 348 -10.63 34.36 -11.18
C GLN A 348 -11.25 33.95 -12.53
N ALA A 349 -11.97 32.83 -12.52
CA ALA A 349 -12.64 32.33 -13.73
C ALA A 349 -13.70 33.31 -14.24
N LEU A 350 -14.51 33.83 -13.34
CA LEU A 350 -15.53 34.82 -13.72
C LEU A 350 -14.92 36.05 -14.35
N GLU A 351 -13.88 36.61 -13.72
CA GLU A 351 -13.27 37.81 -14.25
C GLU A 351 -12.62 37.54 -15.60
N THR A 352 -12.09 36.33 -15.75
CA THR A 352 -11.41 35.98 -16.99
C THR A 352 -12.45 35.73 -18.09
N VAL A 353 -13.60 35.14 -17.75
CA VAL A 353 -14.68 35.01 -18.72
C VAL A 353 -15.12 36.40 -19.21
N GLN A 354 -15.28 37.34 -18.27
CA GLN A 354 -15.70 38.69 -18.65
C GLN A 354 -14.70 39.32 -19.61
N ARG A 355 -13.41 39.10 -19.35
CA ARG A 355 -12.36 39.66 -20.18
C ARG A 355 -12.23 38.94 -21.54
N LEU A 356 -12.31 37.61 -21.52
CA LEU A 356 -11.92 36.80 -22.68
C LEU A 356 -13.07 36.23 -23.53
N LEU A 357 -14.31 36.34 -23.06
CA LEU A 357 -15.44 35.79 -23.83
C LEU A 357 -15.51 36.42 -25.23
N PRO A 358 -15.54 37.76 -25.30
CA PRO A 358 -15.58 38.40 -26.62
C PRO A 358 -14.40 38.02 -27.51
N VAL A 359 -13.20 37.92 -26.92
CA VAL A 359 -11.99 37.60 -27.67
C VAL A 359 -11.99 36.15 -28.19
N LEU A 360 -12.24 35.20 -27.30
CA LEU A 360 -12.29 33.79 -27.69
C LEU A 360 -13.36 33.56 -28.75
N CYS A 361 -14.48 34.26 -28.64
CA CYS A 361 -15.55 34.15 -29.61
C CYS A 361 -15.20 34.78 -30.96
N GLN A 362 -14.72 36.01 -30.92
CA GLN A 362 -14.49 36.77 -32.14
C GLN A 362 -13.16 36.41 -32.81
N ALA A 363 -12.11 36.32 -32.02
CA ALA A 363 -10.78 36.08 -32.58
C ALA A 363 -10.50 34.61 -32.87
N HIS A 364 -11.13 33.72 -32.10
CA HIS A 364 -10.84 32.30 -32.21
C HIS A 364 -12.00 31.41 -32.69
N GLY A 365 -13.18 31.98 -32.83
CA GLY A 365 -14.33 31.23 -33.31
C GLY A 365 -14.92 30.19 -32.37
N LEU A 366 -14.74 30.36 -31.06
CA LEU A 366 -15.39 29.46 -30.10
C LEU A 366 -16.80 29.92 -29.82
N THR A 367 -17.65 29.04 -29.28
CA THR A 367 -18.97 29.47 -28.82
C THR A 367 -18.90 29.94 -27.38
N PRO A 368 -19.88 30.76 -26.94
CA PRO A 368 -19.95 31.08 -25.51
C PRO A 368 -20.03 29.82 -24.66
N GLU A 369 -20.71 28.80 -25.16
CA GLU A 369 -20.86 27.55 -24.42
C GLU A 369 -19.52 26.87 -24.22
N GLN A 370 -18.67 26.91 -25.25
CA GLN A 370 -17.33 26.37 -25.12
C GLN A 370 -16.50 27.17 -24.08
N VAL A 371 -16.62 28.49 -24.13
CA VAL A 371 -15.89 29.33 -23.18
C VAL A 371 -16.32 29.01 -21.75
N VAL A 372 -17.63 28.89 -21.55
CA VAL A 372 -18.18 28.52 -20.25
C VAL A 372 -17.70 27.14 -19.79
N ALA A 373 -17.66 26.17 -20.70
CA ALA A 373 -17.16 24.84 -20.38
C ALA A 373 -15.69 24.83 -19.94
N ILE A 374 -14.85 25.59 -20.64
CA ILE A 374 -13.45 25.69 -20.24
C ILE A 374 -13.33 26.36 -18.87
N ALA A 375 -14.12 27.41 -18.68
CA ALA A 375 -14.08 28.17 -17.42
C ALA A 375 -14.60 27.38 -16.22
N SER A 376 -15.45 26.38 -16.47
CA SER A 376 -16.15 25.66 -15.39
C SER A 376 -15.38 24.48 -14.80
N ASN A 377 -14.14 24.74 -14.41
CA ASN A 377 -13.28 23.78 -13.74
C ASN A 377 -12.38 24.58 -12.80
N GLY A 378 -11.76 23.91 -11.84
CA GLY A 378 -10.80 24.59 -11.00
C GLY A 378 -9.67 25.06 -11.89
N GLY A 379 -9.11 26.23 -11.60
CA GLY A 379 -8.08 26.84 -12.43
C GLY A 379 -8.58 27.26 -13.81
N GLY A 380 -9.89 27.50 -13.92
CA GLY A 380 -10.50 27.91 -15.18
C GLY A 380 -9.84 29.14 -15.81
N LYS A 381 -9.43 30.08 -14.98
CA LYS A 381 -8.68 31.24 -15.50
C LYS A 381 -7.44 30.79 -16.29
N GLN A 382 -6.68 29.87 -15.72
CA GLN A 382 -5.45 29.39 -16.37
C GLN A 382 -5.75 28.68 -17.70
N ALA A 383 -6.77 27.83 -17.70
CA ALA A 383 -7.17 27.11 -18.93
C ALA A 383 -7.62 28.07 -20.01
N LEU A 384 -8.42 29.06 -19.64
CA LEU A 384 -8.89 30.07 -20.59
C LEU A 384 -7.74 30.85 -21.20
N GLU A 385 -6.79 31.26 -20.38
CA GLU A 385 -5.65 32.03 -20.86
C GLU A 385 -4.74 31.18 -21.74
N THR A 386 -4.66 29.89 -21.43
CA THR A 386 -3.80 28.98 -22.20
C THR A 386 -4.44 28.67 -23.57
N VAL A 387 -5.77 28.55 -23.59
CA VAL A 387 -6.49 28.39 -24.86
C VAL A 387 -6.26 29.61 -25.74
N GLN A 388 -6.40 30.79 -25.17
CA GLN A 388 -6.10 32.00 -25.95
C GLN A 388 -4.70 31.94 -26.54
N ARG A 389 -3.72 31.54 -25.74
CA ARG A 389 -2.33 31.48 -26.21
C ARG A 389 -2.04 30.39 -27.23
N LEU A 390 -2.60 29.21 -27.03
CA LEU A 390 -2.11 28.04 -27.74
C LEU A 390 -3.03 27.51 -28.81
N LEU A 391 -4.23 28.07 -28.91
CA LEU A 391 -5.18 27.61 -29.91
C LEU A 391 -4.60 27.73 -31.34
N PRO A 392 -3.99 28.89 -31.67
CA PRO A 392 -3.41 29.00 -33.02
C PRO A 392 -2.31 27.98 -33.29
N VAL A 393 -1.38 27.77 -32.36
CA VAL A 393 -0.30 26.83 -32.63
C VAL A 393 -0.77 25.37 -32.60
N LEU A 394 -1.66 25.05 -31.68
CA LEU A 394 -2.19 23.68 -31.63
C LEU A 394 -2.95 23.30 -32.91
N CYS A 395 -3.73 24.24 -33.43
CA CYS A 395 -4.51 23.99 -34.64
C CYS A 395 -3.66 24.05 -35.90
N GLN A 396 -2.84 25.10 -36.01
CA GLN A 396 -2.11 25.34 -37.26
C GLN A 396 -0.85 24.49 -37.37
N ALA A 397 -0.20 24.23 -36.25
CA ALA A 397 1.10 23.56 -36.27
C ALA A 397 1.01 22.07 -35.97
N HIS A 398 -0.01 21.67 -35.22
CA HIS A 398 -0.12 20.27 -34.83
C HIS A 398 -1.36 19.59 -35.39
N GLY A 399 -2.20 20.35 -36.10
CA GLY A 399 -3.32 19.79 -36.82
C GLY A 399 -4.56 19.47 -35.99
N LEU A 400 -4.61 19.99 -34.77
CA LEU A 400 -5.79 19.75 -33.94
C LEU A 400 -6.94 20.62 -34.39
N THR A 401 -8.16 20.16 -34.13
CA THR A 401 -9.34 20.97 -34.36
C THR A 401 -9.65 21.78 -33.10
N PRO A 402 -10.35 22.90 -33.26
CA PRO A 402 -10.73 23.70 -32.08
C PRO A 402 -11.46 22.85 -31.05
N GLU A 403 -12.28 21.94 -31.54
CA GLU A 403 -13.05 21.05 -30.67
C GLU A 403 -12.13 20.19 -29.80
N GLN A 404 -11.03 19.73 -30.38
CA GLN A 404 -10.08 18.91 -29.64
C GLN A 404 -9.36 19.74 -28.60
N VAL A 405 -8.99 20.96 -28.96
CA VAL A 405 -8.32 21.85 -28.02
C VAL A 405 -9.23 22.17 -26.83
N VAL A 406 -10.51 22.42 -27.11
CA VAL A 406 -11.46 22.73 -26.05
C VAL A 406 -11.62 21.51 -25.13
N ALA A 407 -11.61 20.31 -25.70
CA ALA A 407 -11.72 19.09 -24.90
C ALA A 407 -10.54 18.93 -23.94
N ILE A 408 -9.33 19.19 -24.41
CA ILE A 408 -8.16 19.07 -23.54
C ILE A 408 -8.26 20.11 -22.42
N ALA A 409 -8.72 21.30 -22.79
CA ALA A 409 -8.77 22.44 -21.87
C ALA A 409 -9.81 22.30 -20.76
N SER A 410 -10.81 21.45 -20.98
CA SER A 410 -12.03 21.45 -20.15
C SER A 410 -12.01 20.45 -19.00
N HIS A 411 -10.89 20.43 -18.28
CA HIS A 411 -10.70 19.64 -17.08
C HIS A 411 -9.80 20.44 -16.14
N ASP A 412 -9.83 20.10 -14.84
CA ASP A 412 -8.83 20.63 -13.92
C ASP A 412 -7.44 20.39 -14.48
N GLY A 413 -6.57 21.39 -14.42
CA GLY A 413 -5.23 21.26 -14.98
C GLY A 413 -5.19 21.41 -16.49
N GLY A 414 -6.28 21.89 -17.09
CA GLY A 414 -6.32 22.10 -18.53
C GLY A 414 -5.15 22.88 -19.10
N LYS A 415 -4.73 23.94 -18.40
CA LYS A 415 -3.50 24.63 -18.78
C LYS A 415 -2.32 23.66 -18.93
N GLN A 416 -2.11 22.80 -17.94
CA GLN A 416 -1.00 21.84 -17.93
C GLN A 416 -1.12 20.83 -19.07
N ALA A 417 -2.32 20.30 -19.26
CA ALA A 417 -2.57 19.37 -20.35
C ALA A 417 -2.32 20.01 -21.72
N LEU A 418 -2.79 21.24 -21.94
CA LEU A 418 -2.59 21.93 -23.23
C LEU A 418 -1.10 22.14 -23.53
N GLU A 419 -0.36 22.59 -22.52
CA GLU A 419 1.05 22.87 -22.69
C GLU A 419 1.87 21.60 -22.93
N THR A 420 1.44 20.51 -22.29
CA THR A 420 2.12 19.22 -22.43
C THR A 420 1.86 18.60 -23.80
N VAL A 421 0.61 18.74 -24.27
CA VAL A 421 0.27 18.31 -25.62
C VAL A 421 1.08 19.07 -26.66
N GLN A 422 1.17 20.39 -26.51
CA GLN A 422 1.96 21.16 -27.44
C GLN A 422 3.37 20.62 -27.45
N ARG A 423 3.86 20.24 -26.27
CA ARG A 423 5.24 19.81 -26.08
C ARG A 423 5.52 18.37 -26.55
N LEU A 424 4.58 17.46 -26.33
CA LEU A 424 4.84 16.05 -26.58
C LEU A 424 4.09 15.44 -27.75
N LEU A 425 3.15 16.18 -28.34
CA LEU A 425 2.38 15.62 -29.45
C LEU A 425 3.35 15.07 -30.52
N PRO A 426 4.30 15.90 -30.99
CA PRO A 426 5.17 15.49 -32.10
C PRO A 426 5.97 14.23 -31.82
N VAL A 427 6.51 14.07 -30.61
CA VAL A 427 7.28 12.88 -30.27
C VAL A 427 6.41 11.62 -30.15
N LEU A 428 5.22 11.75 -29.58
CA LEU A 428 4.32 10.61 -29.47
C LEU A 428 3.82 10.16 -30.84
N CYS A 429 3.61 11.10 -31.75
CA CYS A 429 3.09 10.78 -33.07
C CYS A 429 4.20 10.31 -34.02
N GLN A 430 5.21 11.15 -34.22
CA GLN A 430 6.27 10.85 -35.16
C GLN A 430 7.16 9.69 -34.72
N ALA A 431 7.55 9.68 -33.44
CA ALA A 431 8.52 8.70 -32.96
C ALA A 431 7.91 7.37 -32.50
N HIS A 432 6.70 7.41 -31.98
CA HIS A 432 6.10 6.19 -31.44
C HIS A 432 4.81 5.79 -32.13
N GLY A 433 4.42 6.58 -33.13
CA GLY A 433 3.28 6.23 -33.95
C GLY A 433 1.92 6.22 -33.27
N LEU A 434 1.75 7.04 -32.22
CA LEU A 434 0.42 7.29 -31.71
C LEU A 434 -0.30 8.21 -32.68
N THR A 435 -1.61 8.06 -32.80
CA THR A 435 -2.40 9.00 -33.56
C THR A 435 -2.67 10.27 -32.72
N PRO A 436 -2.82 11.42 -33.38
CA PRO A 436 -3.19 12.65 -32.67
C PRO A 436 -4.44 12.43 -31.81
N GLN A 437 -5.39 11.65 -32.33
CA GLN A 437 -6.60 11.34 -31.59
C GLN A 437 -6.33 10.60 -30.28
N GLN A 438 -5.34 9.71 -30.29
CA GLN A 438 -4.93 8.99 -29.08
C GLN A 438 -4.31 9.93 -28.06
N VAL A 439 -3.46 10.83 -28.54
CA VAL A 439 -2.82 11.83 -27.67
C VAL A 439 -3.89 12.71 -27.02
N VAL A 440 -4.82 13.21 -27.84
CA VAL A 440 -5.94 14.01 -27.34
C VAL A 440 -6.75 13.24 -26.28
N ALA A 441 -6.92 11.94 -26.49
CA ALA A 441 -7.72 11.15 -25.56
C ALA A 441 -7.04 11.06 -24.19
N ILE A 442 -5.75 10.78 -24.19
CA ILE A 442 -4.99 10.70 -22.95
C ILE A 442 -5.02 12.03 -22.22
N ALA A 443 -4.87 13.12 -22.97
CA ALA A 443 -4.83 14.47 -22.39
C ALA A 443 -6.18 14.99 -21.88
N SER A 444 -7.27 14.38 -22.34
CA SER A 444 -8.61 14.90 -22.08
C SER A 444 -9.21 14.32 -20.80
N ASN A 445 -8.44 14.39 -19.72
CA ASN A 445 -8.87 13.96 -18.40
C ASN A 445 -8.10 14.81 -17.40
N GLY A 446 -8.60 14.90 -16.17
CA GLY A 446 -7.77 15.39 -15.08
C GLY A 446 -6.50 14.54 -15.01
N GLY A 447 -5.39 15.19 -14.68
CA GLY A 447 -4.10 14.55 -14.68
C GLY A 447 -3.59 14.23 -16.09
N GLY A 448 -4.06 14.98 -17.08
CA GLY A 448 -3.65 14.76 -18.47
C GLY A 448 -2.16 14.91 -18.63
N ARG A 449 -1.61 15.94 -18.00
CA ARG A 449 -0.18 16.17 -18.13
C ARG A 449 0.65 14.99 -17.63
N PRO A 450 0.44 14.53 -16.38
CA PRO A 450 1.28 13.42 -15.92
C PRO A 450 1.04 12.11 -16.68
N ALA A 451 -0.18 11.91 -17.15
CA ALA A 451 -0.47 10.72 -17.94
C ALA A 451 0.34 10.74 -19.22
N LEU A 452 0.39 11.89 -19.90
CA LEU A 452 1.21 12.03 -21.10
C LEU A 452 2.69 11.79 -20.79
N GLU A 453 3.18 12.42 -19.72
CA GLU A 453 4.58 12.27 -19.34
C GLU A 453 4.95 10.81 -19.04
N SER A 454 4.06 10.10 -18.36
CA SER A 454 4.27 8.70 -18.03
C SER A 454 4.34 7.82 -19.28
N ILE A 455 3.45 8.10 -20.23
CA ILE A 455 3.44 7.41 -21.51
C ILE A 455 4.71 7.67 -22.32
N VAL A 456 5.14 8.93 -22.37
CA VAL A 456 6.37 9.28 -23.08
C VAL A 456 7.57 8.64 -22.40
N ALA A 457 7.53 8.59 -21.06
CA ALA A 457 8.62 8.01 -20.29
C ALA A 457 8.82 6.53 -20.65
N GLN A 458 7.73 5.79 -20.71
CA GLN A 458 7.79 4.38 -21.06
C GLN A 458 8.36 4.13 -22.46
N LEU A 459 7.73 4.71 -23.47
CA LEU A 459 8.14 4.50 -24.85
C LEU A 459 9.52 5.08 -25.18
N SER A 460 10.09 5.88 -24.28
CA SER A 460 11.38 6.54 -24.53
C SER A 460 12.57 5.81 -23.88
N ARG A 461 12.34 5.24 -22.69
CA ARG A 461 13.32 4.40 -22.02
C ARG A 461 12.58 3.17 -21.54
N PRO A 462 12.29 2.24 -22.47
CA PRO A 462 11.38 1.10 -22.25
C PRO A 462 11.65 0.32 -20.97
N ASP A 463 10.83 0.55 -19.95
CA ASP A 463 10.94 -0.23 -18.73
C ASP A 463 10.41 -1.64 -18.95
N PRO A 464 11.05 -2.61 -18.32
CA PRO A 464 10.71 -4.02 -18.51
C PRO A 464 9.24 -4.34 -18.26
N ALA A 465 8.69 -3.85 -17.15
CA ALA A 465 7.30 -4.15 -16.80
C ALA A 465 6.33 -3.77 -17.92
N LEU A 466 6.39 -2.51 -18.36
CA LEU A 466 5.48 -1.99 -19.38
C LEU A 466 5.70 -2.58 -20.77
N ALA A 467 6.59 -3.57 -20.89
CA ALA A 467 6.98 -4.12 -22.20
C ALA A 467 5.95 -5.07 -22.81
N ALA A 468 5.36 -5.91 -21.99
CA ALA A 468 4.33 -6.85 -22.45
C ALA A 468 3.07 -6.13 -22.96
N LEU A 469 2.99 -4.83 -22.64
CA LEU A 469 1.86 -4.02 -23.08
C LEU A 469 2.21 -3.27 -24.35
N THR A 470 1.33 -3.37 -25.34
CA THR A 470 1.53 -2.65 -26.59
C THR A 470 1.17 -1.18 -26.42
N ASN A 471 1.60 -0.34 -27.35
CA ASN A 471 1.24 1.07 -27.35
C ASN A 471 -0.26 1.28 -27.16
N ASP A 472 -1.07 0.50 -27.87
CA ASP A 472 -2.53 0.61 -27.76
C ASP A 472 -3.04 0.27 -26.37
N HIS A 473 -2.43 -0.73 -25.73
CA HIS A 473 -2.85 -1.09 -24.38
C HIS A 473 -2.45 0.00 -23.41
N LEU A 474 -1.25 0.52 -23.59
CA LEU A 474 -0.73 1.60 -22.75
C LEU A 474 -1.63 2.82 -22.86
N VAL A 475 -2.06 3.13 -24.08
CA VAL A 475 -2.99 4.23 -24.30
C VAL A 475 -4.32 3.99 -23.59
N ALA A 476 -4.81 2.76 -23.63
CA ALA A 476 -6.10 2.49 -22.99
C ALA A 476 -5.99 2.62 -21.47
N LEU A 477 -4.86 2.17 -20.92
CA LEU A 477 -4.56 2.30 -19.50
C LEU A 477 -4.41 3.76 -19.07
N ALA A 478 -3.66 4.52 -19.85
CA ALA A 478 -3.45 5.94 -19.61
C ALA A 478 -4.76 6.73 -19.61
N CYS A 479 -5.69 6.32 -20.46
CA CYS A 479 -6.98 7.00 -20.54
C CYS A 479 -7.85 6.58 -19.38
N LEU A 480 -7.65 5.34 -18.93
CA LEU A 480 -8.49 4.78 -17.89
C LEU A 480 -8.12 5.29 -16.49
N GLY A 481 -6.83 5.36 -16.20
CA GLY A 481 -6.39 5.73 -14.86
C GLY A 481 -5.14 6.59 -14.82
N GLY A 482 -4.75 7.13 -15.97
CA GLY A 482 -3.62 8.06 -16.02
C GLY A 482 -2.30 7.58 -15.48
N ARG A 483 -1.53 8.51 -14.89
CA ARG A 483 -0.23 8.15 -14.32
C ARG A 483 -0.31 7.05 -13.26
N PRO A 484 -1.30 7.13 -12.36
CA PRO A 484 -1.44 6.06 -11.36
C PRO A 484 -1.59 4.65 -11.96
N ALA A 485 -2.38 4.50 -13.03
CA ALA A 485 -2.53 3.18 -13.65
C ALA A 485 -1.22 2.73 -14.30
N LEU A 486 -0.61 3.61 -15.09
CA LEU A 486 0.68 3.33 -15.71
C LEU A 486 1.74 2.99 -14.67
N ASP A 487 1.72 3.70 -13.55
CA ASP A 487 2.70 3.48 -12.49
C ASP A 487 2.48 2.13 -11.81
N ALA A 488 1.22 1.76 -11.64
CA ALA A 488 0.90 0.47 -11.02
C ALA A 488 1.38 -0.67 -11.90
N VAL A 489 1.21 -0.52 -13.21
CA VAL A 489 1.67 -1.50 -14.17
C VAL A 489 3.17 -1.70 -14.08
N LYS A 490 3.89 -0.60 -13.91
CA LYS A 490 5.33 -0.63 -13.77
C LYS A 490 5.73 -1.47 -12.57
N LYS A 491 4.87 -1.48 -11.56
CA LYS A 491 5.15 -2.18 -10.31
C LYS A 491 4.96 -3.69 -10.42
N LEU A 492 4.68 -4.17 -11.63
CA LEU A 492 4.49 -5.60 -11.84
C LEU A 492 5.67 -6.22 -12.56
N1 5CM B 8 -3.59 31.33 6.74
C2 5CM B 8 -2.87 31.99 5.72
N3 5CM B 8 -1.82 31.41 5.11
C4 5CM B 8 -1.42 30.19 5.47
C5 5CM B 8 -2.15 29.47 6.54
C5A 5CM B 8 -1.72 28.10 6.97
C6 5CM B 8 -3.23 30.11 7.14
O2 5CM B 8 -3.23 33.14 5.36
N4 5CM B 8 -0.36 29.62 4.85
C1' 5CM B 8 -4.71 32.03 7.36
C2' 5CM B 8 -6.01 31.24 7.35
C3' 5CM B 8 -6.74 31.71 8.60
C4' 5CM B 8 -5.68 32.41 9.43
O4' 5CM B 8 -4.44 32.28 8.75
O3' 5CM B 8 -7.72 32.68 8.27
C5' 5CM B 8 -5.57 31.86 10.85
O5' 5CM B 8 -5.30 30.46 10.83
P 5CM B 8 -4.99 29.70 12.21
OP1 5CM B 8 -6.00 30.13 13.23
OP2 5CM B 8 -4.82 28.23 11.92
N1 5CM B 11 -6.29 28.55 -4.88
C2 5CM B 11 -5.32 27.60 -4.49
N3 5CM B 11 -5.56 26.69 -3.53
C4 5CM B 11 -6.75 26.69 -2.89
C5 5CM B 11 -7.77 27.69 -3.27
C5A 5CM B 11 -9.11 27.71 -2.59
C6 5CM B 11 -7.48 28.60 -4.28
O2 5CM B 11 -4.20 27.58 -5.06
N4 5CM B 11 -7.00 25.79 -1.92
C1' 5CM B 11 -5.96 29.51 -5.92
C2' 5CM B 11 -6.81 29.40 -7.18
C3' 5CM B 11 -6.86 30.82 -7.72
C4' 5CM B 11 -6.29 31.70 -6.60
O4' 5CM B 11 -6.16 30.85 -5.47
O3' 5CM B 11 -6.03 30.97 -8.87
C5' 5CM B 11 -7.15 32.92 -6.30
O5' 5CM B 11 -8.49 32.55 -6.02
P 5CM B 11 -9.49 33.59 -5.33
OP1 5CM B 11 -9.59 34.81 -6.20
OP2 5CM B 11 -10.74 32.86 -4.94
N1 5CM B 15 -7.08 12.31 -8.18
C2 5CM B 15 -8.38 12.51 -7.68
N3 5CM B 15 -9.29 13.23 -8.36
C4 5CM B 15 -8.97 13.77 -9.55
C5 5CM B 15 -7.62 13.57 -10.09
C5A 5CM B 15 -7.22 14.16 -11.41
C6 5CM B 15 -6.71 12.83 -9.35
O2 5CM B 15 -8.69 12.01 -6.58
N4 5CM B 15 -9.89 14.48 -10.24
C1' 5CM B 15 -6.13 11.54 -7.38
C2' 5CM B 15 -5.69 10.23 -8.02
C3' 5CM B 15 -4.26 10.07 -7.53
C4' 5CM B 15 -3.78 11.49 -7.25
O4' 5CM B 15 -4.95 12.32 -7.21
O3' 5CM B 15 -4.26 9.40 -6.27
C5' 5CM B 15 -2.78 12.01 -8.28
O5' 5CM B 15 -3.24 11.82 -9.61
P 5CM B 15 -2.25 12.10 -10.83
OP1 5CM B 15 -1.04 11.23 -10.68
OP2 5CM B 15 -3.05 12.06 -12.11
N GLN D 2 -15.51 -60.92 21.91
CA GLN D 2 -15.76 -59.60 21.32
C GLN D 2 -15.52 -58.49 22.36
N TRP D 3 -16.50 -58.28 23.24
CA TRP D 3 -16.24 -57.54 24.48
C TRP D 3 -15.21 -58.38 25.22
N SER D 4 -14.06 -57.80 25.57
CA SER D 4 -12.97 -58.60 26.13
C SER D 4 -11.82 -57.77 26.69
N GLY D 5 -10.92 -58.45 27.39
CA GLY D 5 -9.73 -57.83 27.93
C GLY D 5 -8.49 -57.95 27.04
N ALA D 6 -8.71 -58.02 25.73
CA ALA D 6 -7.58 -58.11 24.80
C ALA D 6 -6.63 -56.93 24.99
N ARG D 7 -5.34 -57.14 24.77
CA ARG D 7 -4.37 -56.06 24.91
C ARG D 7 -4.51 -55.02 23.80
N ALA D 8 -3.82 -53.88 23.95
CA ALA D 8 -3.99 -52.72 23.07
C ALA D 8 -3.73 -53.00 21.60
N LEU D 9 -2.59 -53.61 21.30
CA LEU D 9 -2.26 -53.94 19.91
C LEU D 9 -3.22 -54.97 19.35
N GLU D 10 -3.55 -55.97 20.16
N GLU D 10 -3.55 -55.97 20.16
CA GLU D 10 -4.49 -57.01 19.75
CA GLU D 10 -4.48 -57.01 19.74
C GLU D 10 -5.82 -56.38 19.36
C GLU D 10 -5.81 -56.38 19.36
N ALA D 11 -6.28 -55.44 20.17
CA ALA D 11 -7.53 -54.76 19.89
C ALA D 11 -7.42 -53.95 18.59
N LEU D 12 -6.27 -53.33 18.40
CA LEU D 12 -6.06 -52.49 17.21
C LEU D 12 -6.09 -53.35 15.95
N LEU D 13 -5.35 -54.44 15.97
CA LEU D 13 -5.26 -55.29 14.79
C LEU D 13 -6.60 -55.93 14.49
N THR D 14 -7.39 -56.21 15.53
CA THR D 14 -8.71 -56.80 15.30
C THR D 14 -9.60 -55.82 14.56
N VAL D 15 -9.62 -54.58 15.03
CA VAL D 15 -10.37 -53.54 14.35
C VAL D 15 -9.87 -53.37 12.92
N ALA D 16 -8.55 -53.38 12.75
CA ALA D 16 -7.96 -53.26 11.42
C ALA D 16 -8.50 -54.34 10.48
N GLY D 17 -8.49 -55.58 10.96
CA GLY D 17 -9.07 -56.68 10.21
C GLY D 17 -10.47 -56.37 9.73
N GLU D 18 -11.28 -55.78 10.62
CA GLU D 18 -12.68 -55.52 10.30
C GLU D 18 -12.91 -54.26 9.47
N LEU D 19 -11.85 -53.50 9.23
CA LEU D 19 -11.97 -52.26 8.46
C LEU D 19 -11.35 -52.36 7.06
N ARG D 20 -11.36 -53.57 6.50
CA ARG D 20 -10.82 -53.78 5.17
C ARG D 20 -11.81 -53.35 4.09
N GLY D 21 -13.10 -53.34 4.43
CA GLY D 21 -14.13 -53.01 3.46
C GLY D 21 -15.00 -51.81 3.80
N PRO D 22 -16.15 -51.70 3.12
CA PRO D 22 -17.08 -50.55 3.22
C PRO D 22 -17.84 -50.53 4.55
N PRO D 23 -18.32 -49.35 4.94
CA PRO D 23 -18.17 -48.09 4.19
C PRO D 23 -16.81 -47.45 4.46
N LEU D 24 -16.16 -47.92 5.53
CA LEU D 24 -14.91 -47.35 5.96
C LEU D 24 -13.76 -48.33 5.74
N GLN D 25 -13.24 -48.33 4.52
CA GLN D 25 -12.10 -49.16 4.16
C GLN D 25 -10.82 -48.40 4.46
N LEU D 26 -10.07 -48.86 5.45
CA LEU D 26 -8.84 -48.20 5.85
C LEU D 26 -7.68 -49.20 5.91
N ASP D 27 -6.56 -48.82 5.33
CA ASP D 27 -5.36 -49.64 5.36
C ASP D 27 -4.61 -49.39 6.65
N THR D 28 -3.58 -50.20 6.92
CA THR D 28 -2.80 -50.07 8.14
C THR D 28 -2.13 -48.70 8.21
N GLY D 29 -1.80 -48.15 7.04
CA GLY D 29 -1.19 -46.83 6.99
C GLY D 29 -2.11 -45.78 7.58
N GLN D 30 -3.34 -45.73 7.09
CA GLN D 30 -4.32 -44.79 7.62
C GLN D 30 -4.56 -45.07 9.08
N LEU D 31 -4.54 -46.35 9.45
CA LEU D 31 -4.67 -46.73 10.85
C LEU D 31 -3.49 -46.24 11.67
N LEU D 32 -2.30 -46.27 11.09
CA LEU D 32 -1.12 -45.77 11.79
C LEU D 32 -1.25 -44.26 12.00
N LYS D 33 -1.74 -43.57 10.97
CA LYS D 33 -1.90 -42.13 11.06
C LYS D 33 -2.82 -41.79 12.22
N ILE D 34 -3.94 -42.50 12.31
CA ILE D 34 -4.89 -42.24 13.38
C ILE D 34 -4.27 -42.53 14.75
N ALA D 35 -3.54 -43.63 14.84
CA ALA D 35 -3.04 -44.10 16.13
C ALA D 35 -1.93 -43.24 16.73
N LYS D 36 -1.13 -42.59 15.88
CA LYS D 36 -0.01 -41.81 16.40
C LYS D 36 -0.49 -40.78 17.41
N ARG D 37 -1.67 -40.23 17.15
CA ARG D 37 -2.21 -39.17 17.97
C ARG D 37 -3.51 -39.57 18.68
N GLY D 38 -4.47 -40.04 17.89
CA GLY D 38 -5.78 -40.45 18.40
C GLY D 38 -5.71 -41.72 19.23
N GLY D 39 -4.67 -42.52 19.00
CA GLY D 39 -4.43 -43.71 19.79
C GLY D 39 -5.34 -44.87 19.36
N VAL D 40 -5.20 -46.02 20.03
CA VAL D 40 -6.12 -47.11 19.74
C VAL D 40 -7.56 -46.69 20.03
N THR D 41 -7.72 -45.81 21.01
CA THR D 41 -9.02 -45.24 21.35
C THR D 41 -9.79 -44.69 20.15
N ALA D 42 -9.13 -43.87 19.32
CA ALA D 42 -9.78 -43.30 18.14
C ALA D 42 -10.07 -44.36 17.09
N VAL D 43 -9.17 -45.33 16.95
CA VAL D 43 -9.38 -46.38 15.97
C VAL D 43 -10.62 -47.19 16.33
N GLU D 44 -10.75 -47.51 17.62
CA GLU D 44 -11.93 -48.22 18.11
C GLU D 44 -13.19 -47.38 17.91
N ALA D 45 -13.06 -46.07 18.11
CA ALA D 45 -14.20 -45.18 17.89
C ALA D 45 -14.58 -45.10 16.41
N VAL D 46 -13.59 -45.02 15.53
CA VAL D 46 -13.85 -45.05 14.10
C VAL D 46 -14.62 -46.34 13.76
N HIS D 47 -14.16 -47.45 14.33
CA HIS D 47 -14.81 -48.73 14.09
C HIS D 47 -16.25 -48.71 14.56
N ALA D 48 -16.45 -48.30 15.81
CA ALA D 48 -17.78 -48.31 16.41
C ALA D 48 -18.80 -47.45 15.66
N TRP D 49 -18.36 -46.29 15.17
CA TRP D 49 -19.30 -45.31 14.62
C TRP D 49 -19.26 -45.16 13.10
N ARG D 50 -18.57 -46.07 12.42
CA ARG D 50 -18.34 -45.96 10.98
C ARG D 50 -19.61 -45.76 10.13
N ASN D 51 -20.65 -46.54 10.41
CA ASN D 51 -21.88 -46.48 9.64
C ASN D 51 -22.60 -45.13 9.75
N ALA D 52 -22.70 -44.59 10.96
CA ALA D 52 -23.33 -43.29 11.15
C ALA D 52 -22.46 -42.15 10.60
N LEU D 53 -21.15 -42.27 10.75
CA LEU D 53 -20.24 -41.25 10.22
C LEU D 53 -20.36 -41.13 8.70
N THR D 54 -20.43 -42.28 8.03
CA THR D 54 -20.50 -42.32 6.57
C THR D 54 -21.92 -42.21 6.03
N GLY D 55 -22.91 -42.61 6.85
CA GLY D 55 -24.29 -42.56 6.43
C GLY D 55 -24.96 -41.21 6.61
N ALA D 56 -26.16 -41.06 6.07
CA ALA D 56 -26.94 -39.85 6.24
C ALA D 56 -27.37 -39.66 7.71
N PRO D 57 -27.55 -38.40 8.14
CA PRO D 57 -27.38 -37.21 7.30
C PRO D 57 -25.95 -36.67 7.29
N LEU D 58 -25.05 -37.33 8.02
CA LEU D 58 -23.66 -36.85 8.14
C LEU D 58 -22.90 -36.85 6.82
N ASN D 59 -22.80 -38.02 6.19
CA ASN D 59 -22.20 -38.13 4.85
C ASN D 59 -20.73 -37.73 4.81
N LEU D 60 -19.98 -38.10 5.84
CA LEU D 60 -18.55 -37.83 5.85
C LEU D 60 -17.79 -38.84 5.00
N THR D 61 -16.84 -38.34 4.20
CA THR D 61 -15.98 -39.24 3.45
C THR D 61 -15.00 -39.92 4.41
N PRO D 62 -14.44 -41.07 3.99
CA PRO D 62 -13.40 -41.74 4.80
C PRO D 62 -12.26 -40.77 5.10
N GLU D 63 -11.95 -39.90 4.15
CA GLU D 63 -10.89 -38.92 4.31
C GLU D 63 -11.20 -37.96 5.45
N GLN D 64 -12.45 -37.50 5.51
CA GLN D 64 -12.86 -36.58 6.57
C GLN D 64 -12.87 -37.27 7.94
N VAL D 65 -13.32 -38.52 7.99
CA VAL D 65 -13.30 -39.29 9.23
C VAL D 65 -11.88 -39.48 9.77
N VAL D 66 -10.96 -39.86 8.88
CA VAL D 66 -9.56 -40.02 9.27
C VAL D 66 -9.01 -38.70 9.81
N ALA D 67 -9.33 -37.61 9.14
CA ALA D 67 -8.83 -36.29 9.53
C ALA D 67 -9.31 -35.89 10.92
N ILE D 68 -10.55 -36.21 11.24
CA ILE D 68 -11.07 -35.91 12.57
C ILE D 68 -10.45 -36.85 13.61
N ALA D 69 -10.32 -38.12 13.26
CA ALA D 69 -9.84 -39.12 14.21
C ALA D 69 -8.39 -38.95 14.61
N SER D 70 -7.58 -38.35 13.73
CA SER D 70 -6.11 -38.38 13.95
C SER D 70 -5.58 -37.19 14.78
N HIS D 71 -6.15 -36.99 15.96
CA HIS D 71 -5.72 -35.93 16.85
C HIS D 71 -5.93 -36.41 18.26
N ASP D 72 -5.26 -35.79 19.23
CA ASP D 72 -5.49 -36.14 20.63
C ASP D 72 -6.97 -35.86 20.86
N GLY D 73 -7.65 -36.75 21.58
CA GLY D 73 -9.08 -36.60 21.83
C GLY D 73 -9.92 -36.98 20.64
N GLY D 74 -9.31 -37.65 19.67
CA GLY D 74 -10.00 -37.97 18.43
C GLY D 74 -11.33 -38.66 18.62
N LYS D 75 -11.40 -39.59 19.58
CA LYS D 75 -12.68 -40.23 19.88
C LYS D 75 -13.72 -39.18 20.27
N GLN D 76 -13.34 -38.23 21.12
CA GLN D 76 -14.25 -37.18 21.60
C GLN D 76 -14.74 -36.30 20.46
N ALA D 77 -13.83 -35.94 19.56
CA ALA D 77 -14.21 -35.15 18.41
C ALA D 77 -15.17 -35.92 17.47
N LEU D 78 -14.90 -37.20 17.27
CA LEU D 78 -15.80 -38.02 16.46
C LEU D 78 -17.20 -38.07 17.06
N GLU D 79 -17.28 -38.25 18.38
CA GLU D 79 -18.59 -38.28 19.02
C GLU D 79 -19.27 -36.92 18.88
N THR D 80 -18.50 -35.86 19.09
CA THR D 80 -19.07 -34.52 19.08
C THR D 80 -19.52 -34.08 17.69
N VAL D 81 -18.80 -34.46 16.64
CA VAL D 81 -19.20 -34.04 15.30
C VAL D 81 -20.53 -34.67 14.89
N GLN D 82 -20.78 -35.90 15.34
CA GLN D 82 -22.04 -36.55 15.05
C GLN D 82 -23.19 -35.74 15.63
N ARG D 83 -22.96 -35.16 16.81
CA ARG D 83 -23.98 -34.40 17.51
C ARG D 83 -24.13 -32.98 16.99
N LEU D 84 -23.01 -32.32 16.73
CA LEU D 84 -23.01 -30.88 16.48
C LEU D 84 -22.96 -30.46 15.02
N LEU D 85 -22.50 -31.32 14.12
CA LEU D 85 -22.45 -30.95 12.71
C LEU D 85 -23.83 -30.53 12.20
N PRO D 86 -24.85 -31.39 12.39
CA PRO D 86 -26.21 -31.00 11.98
C PRO D 86 -26.61 -29.65 12.58
N VAL D 87 -26.39 -29.48 13.87
CA VAL D 87 -26.74 -28.24 14.57
C VAL D 87 -26.06 -27.02 13.96
N LEU D 88 -24.74 -27.10 13.79
CA LEU D 88 -23.99 -25.95 13.30
C LEU D 88 -24.31 -25.62 11.86
N CYS D 89 -24.52 -26.65 11.04
CA CYS D 89 -24.86 -26.43 9.65
C CYS D 89 -26.29 -25.90 9.49
N GLN D 90 -27.23 -26.56 10.14
CA GLN D 90 -28.65 -26.27 9.90
C GLN D 90 -29.11 -24.99 10.59
N ALA D 91 -28.57 -24.73 11.77
CA ALA D 91 -29.02 -23.59 12.56
C ALA D 91 -28.11 -22.35 12.43
N HIS D 92 -26.87 -22.54 11.99
CA HIS D 92 -25.95 -21.39 11.85
C HIS D 92 -25.38 -21.21 10.44
N GLY D 93 -25.73 -22.12 9.54
CA GLY D 93 -25.36 -21.98 8.14
C GLY D 93 -23.89 -22.24 7.82
N LEU D 94 -23.19 -22.85 8.76
CA LEU D 94 -21.85 -23.36 8.49
C LEU D 94 -21.94 -24.48 7.45
N THR D 95 -20.90 -24.63 6.65
CA THR D 95 -20.82 -25.79 5.77
C THR D 95 -20.22 -26.98 6.53
N PRO D 96 -20.46 -28.21 6.03
CA PRO D 96 -19.82 -29.38 6.63
C PRO D 96 -18.30 -29.27 6.60
N GLN D 97 -17.74 -28.74 5.52
CA GLN D 97 -16.31 -28.52 5.41
C GLN D 97 -15.79 -27.73 6.60
N GLN D 98 -16.50 -26.64 6.92
CA GLN D 98 -16.13 -25.76 8.02
C GLN D 98 -16.18 -26.50 9.36
N VAL D 99 -17.23 -27.29 9.56
CA VAL D 99 -17.36 -28.02 10.82
C VAL D 99 -16.25 -29.07 10.95
N VAL D 100 -15.97 -29.77 9.87
CA VAL D 100 -14.88 -30.73 9.86
C VAL D 100 -13.54 -30.07 10.16
N ALA D 101 -13.31 -28.89 9.58
CA ALA D 101 -12.10 -28.11 9.84
C ALA D 101 -11.93 -27.80 11.33
N ILE D 102 -13.01 -27.37 11.98
CA ILE D 102 -12.96 -27.12 13.41
C ILE D 102 -12.68 -28.40 14.19
N ALA D 103 -13.26 -29.51 13.73
CA ALA D 103 -13.16 -30.76 14.46
C ALA D 103 -11.76 -31.38 14.37
N SER D 104 -11.01 -31.02 13.34
CA SER D 104 -9.76 -31.74 13.02
C SER D 104 -8.52 -31.14 13.67
N HIS D 105 -8.59 -30.94 14.98
CA HIS D 105 -7.46 -30.44 15.77
C HIS D 105 -7.55 -31.11 17.12
N ASP D 106 -6.43 -31.16 17.86
CA ASP D 106 -6.47 -31.71 19.21
C ASP D 106 -7.58 -30.99 19.98
N GLY D 107 -8.37 -31.73 20.74
CA GLY D 107 -9.44 -31.13 21.52
C GLY D 107 -10.56 -30.55 20.67
N GLY D 108 -10.77 -31.14 19.50
CA GLY D 108 -11.81 -30.69 18.60
C GLY D 108 -13.20 -30.64 19.22
N LYS D 109 -13.47 -31.56 20.16
CA LYS D 109 -14.72 -31.52 20.91
C LYS D 109 -14.95 -30.17 21.56
N GLN D 110 -13.92 -29.68 22.24
CA GLN D 110 -13.99 -28.39 22.94
C GLN D 110 -14.25 -27.24 21.97
N ALA D 111 -13.50 -27.21 20.87
CA ALA D 111 -13.73 -26.15 19.87
C ALA D 111 -15.18 -26.16 19.33
N LEU D 112 -15.68 -27.32 18.95
CA LEU D 112 -17.05 -27.44 18.43
C LEU D 112 -18.11 -26.95 19.40
N GLU D 113 -18.02 -27.38 20.65
CA GLU D 113 -18.99 -26.96 21.67
C GLU D 113 -18.91 -25.46 21.92
N THR D 114 -17.70 -24.90 21.81
CA THR D 114 -17.50 -23.48 22.04
C THR D 114 -17.98 -22.65 20.87
N VAL D 115 -17.84 -23.17 19.66
CA VAL D 115 -18.42 -22.50 18.49
C VAL D 115 -19.93 -22.49 18.62
N GLN D 116 -20.50 -23.61 19.04
CA GLN D 116 -21.95 -23.67 19.26
C GLN D 116 -22.41 -22.61 20.27
N ARG D 117 -21.67 -22.48 21.36
CA ARG D 117 -22.06 -21.58 22.43
C ARG D 117 -21.78 -20.11 22.12
N LEU D 118 -20.68 -19.85 21.42
CA LEU D 118 -20.19 -18.47 21.28
C LEU D 118 -20.49 -17.83 19.93
N LEU D 119 -20.77 -18.65 18.93
CA LEU D 119 -21.07 -18.11 17.61
C LEU D 119 -22.25 -17.13 17.70
N PRO D 120 -23.30 -17.47 18.47
CA PRO D 120 -24.43 -16.55 18.65
C PRO D 120 -24.06 -15.22 19.34
N VAL D 121 -23.06 -15.20 20.22
CA VAL D 121 -22.67 -13.95 20.85
C VAL D 121 -21.61 -13.17 20.05
N LEU D 122 -20.70 -13.89 19.40
CA LEU D 122 -19.66 -13.22 18.61
C LEU D 122 -20.19 -12.64 17.30
N CYS D 123 -21.25 -13.24 16.76
CA CYS D 123 -21.73 -12.81 15.45
C CYS D 123 -23.00 -11.98 15.52
N GLN D 124 -23.16 -11.21 16.60
CA GLN D 124 -24.25 -10.25 16.67
C GLN D 124 -23.88 -9.04 15.80
N ALA D 125 -24.83 -8.10 15.65
CA ALA D 125 -24.58 -6.91 14.82
C ALA D 125 -23.24 -6.25 15.18
N HIS D 126 -22.45 -5.94 14.15
CA HIS D 126 -21.18 -5.25 14.30
C HIS D 126 -20.12 -6.12 14.99
N GLY D 127 -20.37 -7.42 15.03
CA GLY D 127 -19.42 -8.35 15.61
C GLY D 127 -18.62 -9.06 14.54
N LEU D 128 -18.19 -10.29 14.81
CA LEU D 128 -17.38 -11.00 13.85
C LEU D 128 -18.24 -11.71 12.80
N THR D 129 -17.64 -12.04 11.67
CA THR D 129 -18.33 -12.90 10.71
C THR D 129 -18.14 -14.34 11.14
N PRO D 130 -19.05 -15.23 10.71
CA PRO D 130 -18.90 -16.66 10.92
C PRO D 130 -17.55 -17.20 10.43
N GLU D 131 -17.06 -16.69 9.30
CA GLU D 131 -15.78 -17.10 8.75
C GLU D 131 -14.65 -16.82 9.76
N GLN D 132 -14.70 -15.65 10.39
CA GLN D 132 -13.70 -15.27 11.39
C GLN D 132 -13.76 -16.16 12.63
N VAL D 133 -14.96 -16.49 13.06
CA VAL D 133 -15.15 -17.41 14.17
C VAL D 133 -14.62 -18.80 13.83
N VAL D 134 -14.89 -19.28 12.62
CA VAL D 134 -14.39 -20.60 12.19
C VAL D 134 -12.87 -20.61 12.14
N ALA D 135 -12.30 -19.51 11.67
CA ALA D 135 -10.84 -19.40 11.59
C ALA D 135 -10.19 -19.44 12.97
N ILE D 136 -10.77 -18.73 13.93
CA ILE D 136 -10.23 -18.73 15.28
C ILE D 136 -10.33 -20.12 15.90
N ALA D 137 -11.45 -20.77 15.64
CA ALA D 137 -11.71 -22.09 16.23
C ALA D 137 -10.88 -23.24 15.63
N SER D 138 -10.34 -23.04 14.43
CA SER D 138 -9.68 -24.11 13.67
C SER D 138 -8.20 -24.27 14.01
N HIS D 139 -7.88 -24.31 15.30
CA HIS D 139 -6.52 -24.54 15.79
C HIS D 139 -6.64 -25.29 17.09
N ASP D 140 -5.60 -26.02 17.46
CA ASP D 140 -5.54 -26.58 18.81
C ASP D 140 -5.81 -25.46 19.82
N GLY D 141 -6.61 -25.75 20.84
CA GLY D 141 -6.97 -24.74 21.83
C GLY D 141 -7.98 -23.73 21.30
N GLY D 142 -8.67 -24.09 20.24
CA GLY D 142 -9.64 -23.19 19.62
C GLY D 142 -10.66 -22.67 20.61
N LYS D 143 -11.08 -23.51 21.56
CA LYS D 143 -11.97 -23.07 22.64
C LYS D 143 -11.36 -21.93 23.43
N GLN D 144 -10.06 -22.05 23.72
CA GLN D 144 -9.40 -21.05 24.55
C GLN D 144 -9.30 -19.74 23.77
N ALA D 145 -8.95 -19.84 22.50
CA ALA D 145 -8.81 -18.64 21.68
C ALA D 145 -10.16 -17.92 21.53
N LEU D 146 -11.22 -18.67 21.30
CA LEU D 146 -12.56 -18.08 21.13
C LEU D 146 -13.04 -17.37 22.38
N GLU D 147 -12.86 -17.99 23.53
CA GLU D 147 -13.30 -17.39 24.79
C GLU D 147 -12.49 -16.13 25.08
N THR D 148 -11.24 -16.11 24.63
CA THR D 148 -10.36 -15.00 24.92
C THR D 148 -10.62 -13.84 23.99
N VAL D 149 -10.96 -14.13 22.74
CA VAL D 149 -11.44 -13.09 21.84
C VAL D 149 -12.68 -12.45 22.45
N GLN D 150 -13.61 -13.27 22.91
CA GLN D 150 -14.83 -12.74 23.52
C GLN D 150 -14.47 -11.76 24.63
N ALA D 151 -13.53 -12.15 25.47
CA ALA D 151 -13.15 -11.35 26.63
C ALA D 151 -12.38 -10.08 26.27
N LEU D 152 -11.45 -10.19 25.33
CA LEU D 152 -10.46 -9.12 25.13
C LEU D 152 -10.64 -8.28 23.88
N LEU D 153 -11.56 -8.68 23.00
CA LEU D 153 -11.86 -7.86 21.83
C LEU D 153 -12.07 -6.40 22.26
N PRO D 154 -12.93 -6.16 23.26
CA PRO D 154 -13.19 -4.77 23.66
C PRO D 154 -11.95 -4.00 24.15
N VAL D 155 -11.15 -4.57 25.04
CA VAL D 155 -10.01 -3.83 25.55
C VAL D 155 -8.95 -3.63 24.46
N LEU D 156 -8.73 -4.66 23.64
CA LEU D 156 -7.71 -4.56 22.61
C LEU D 156 -8.05 -3.48 21.58
N CYS D 157 -9.33 -3.42 21.18
CA CYS D 157 -9.75 -2.38 20.26
C CYS D 157 -9.81 -1.02 20.96
N GLN D 158 -10.48 -0.95 22.11
CA GLN D 158 -10.75 0.33 22.77
C GLN D 158 -9.53 0.99 23.42
N ALA D 159 -8.80 0.21 24.22
CA ALA D 159 -7.66 0.75 24.95
C ALA D 159 -6.38 0.73 24.12
N HIS D 160 -6.21 -0.30 23.29
CA HIS D 160 -4.94 -0.44 22.56
C HIS D 160 -5.02 -0.08 21.07
N GLY D 161 -6.21 0.26 20.59
CA GLY D 161 -6.38 0.75 19.23
C GLY D 161 -6.25 -0.27 18.10
N LEU D 162 -6.40 -1.55 18.41
CA LEU D 162 -6.38 -2.56 17.35
C LEU D 162 -7.72 -2.65 16.64
N THR D 163 -7.70 -3.10 15.40
CA THR D 163 -8.92 -3.42 14.69
C THR D 163 -9.34 -4.84 15.04
N PRO D 164 -10.63 -5.14 14.90
CA PRO D 164 -11.10 -6.51 15.14
C PRO D 164 -10.37 -7.50 14.22
N GLU D 165 -10.07 -7.08 13.00
CA GLU D 165 -9.29 -7.94 12.10
C GLU D 165 -7.90 -8.30 12.66
N GLN D 166 -7.23 -7.33 13.29
CA GLN D 166 -5.92 -7.62 13.88
C GLN D 166 -6.07 -8.56 15.07
N VAL D 167 -7.13 -8.37 15.85
CA VAL D 167 -7.38 -9.27 16.95
C VAL D 167 -7.63 -10.68 16.45
N VAL D 168 -8.39 -10.81 15.37
CA VAL D 168 -8.65 -12.13 14.79
C VAL D 168 -7.34 -12.76 14.29
N ALA D 169 -6.47 -11.95 13.70
CA ALA D 169 -5.21 -12.44 13.17
C ALA D 169 -4.34 -13.04 14.26
N ILE D 170 -4.34 -12.39 15.43
CA ILE D 170 -3.50 -12.84 16.54
C ILE D 170 -4.11 -14.13 17.11
N ALA D 171 -5.43 -14.09 17.27
CA ALA D 171 -6.16 -15.23 17.84
C ALA D 171 -6.10 -16.51 17.02
N SER D 172 -5.88 -16.39 15.70
CA SER D 172 -5.98 -17.47 14.74
C SER D 172 -4.63 -18.20 14.59
N ASN D 173 -4.11 -18.67 15.72
CA ASN D 173 -2.87 -19.43 15.79
C ASN D 173 -2.96 -20.37 16.96
N GLY D 174 -2.24 -21.49 16.91
CA GLY D 174 -2.10 -22.31 18.11
C GLY D 174 -1.58 -21.43 19.26
N GLY D 175 -2.16 -21.59 20.44
CA GLY D 175 -1.79 -20.78 21.58
C GLY D 175 -2.29 -19.33 21.45
N GLY D 176 -3.33 -19.13 20.64
CA GLY D 176 -3.89 -17.80 20.43
C GLY D 176 -4.31 -17.08 21.70
N LYS D 177 -4.89 -17.80 22.64
CA LYS D 177 -5.22 -17.20 23.94
C LYS D 177 -4.00 -16.56 24.58
N GLN D 178 -2.88 -17.29 24.60
CA GLN D 178 -1.66 -16.78 25.19
C GLN D 178 -1.14 -15.55 24.43
N ALA D 179 -1.22 -15.60 23.11
CA ALA D 179 -0.77 -14.46 22.29
C ALA D 179 -1.62 -13.20 22.58
N LEU D 180 -2.94 -13.37 22.67
CA LEU D 180 -3.83 -12.24 22.93
C LEU D 180 -3.55 -11.60 24.28
N GLU D 181 -3.47 -12.44 25.31
CA GLU D 181 -3.20 -11.96 26.66
C GLU D 181 -1.84 -11.27 26.74
N THR D 182 -0.88 -11.75 25.95
CA THR D 182 0.46 -11.20 26.02
C THR D 182 0.56 -9.86 25.28
N VAL D 183 -0.15 -9.75 24.16
CA VAL D 183 -0.24 -8.45 23.46
C VAL D 183 -0.87 -7.41 24.39
N GLN D 184 -1.94 -7.81 25.07
CA GLN D 184 -2.62 -6.92 25.99
C GLN D 184 -1.65 -6.40 27.03
N ARG D 185 -0.85 -7.31 27.60
CA ARG D 185 0.10 -6.96 28.64
C ARG D 185 1.33 -6.18 28.13
N LEU D 186 1.87 -6.55 26.97
CA LEU D 186 3.18 -6.02 26.56
C LEU D 186 3.16 -4.87 25.56
N LEU D 187 1.99 -4.58 24.99
CA LEU D 187 1.93 -3.50 24.01
C LEU D 187 2.51 -2.20 24.55
N PRO D 188 2.08 -1.78 25.74
CA PRO D 188 2.61 -0.51 26.28
C PRO D 188 4.11 -0.56 26.51
N VAL D 189 4.60 -1.68 27.02
CA VAL D 189 6.01 -1.88 27.31
C VAL D 189 6.87 -1.86 26.06
N LEU D 190 6.44 -2.58 25.03
CA LEU D 190 7.24 -2.71 23.83
C LEU D 190 7.23 -1.44 22.97
N CYS D 191 6.11 -0.72 22.99
N CYS D 191 6.13 -0.69 22.98
CA CYS D 191 5.93 0.42 22.09
CA CYS D 191 6.02 0.43 22.06
C CYS D 191 6.24 1.73 22.79
C CYS D 191 6.83 1.64 22.47
N GLN D 192 7.54 1.99 22.91
N GLN D 192 6.75 2.01 23.75
CA GLN D 192 8.07 3.25 23.41
CA GLN D 192 7.39 3.25 24.20
C GLN D 192 9.23 3.60 22.50
C GLN D 192 8.65 3.01 25.04
N ALA D 193 9.76 4.81 22.66
N ALA D 193 9.04 1.76 25.21
CA ALA D 193 10.97 5.19 21.95
CA ALA D 193 10.19 1.42 26.02
C ALA D 193 12.04 4.11 22.15
C ALA D 193 11.20 0.51 25.32
N HIS D 194 12.76 3.79 21.09
N HIS D 194 10.71 -0.36 24.45
CA HIS D 194 13.78 2.75 21.13
CA HIS D 194 11.58 -1.29 23.76
C HIS D 194 13.18 1.35 21.31
C HIS D 194 11.76 -0.99 22.30
N GLY D 195 11.86 1.24 21.15
N GLY D 195 11.15 0.10 21.85
CA GLY D 195 11.18 -0.04 21.21
CA GLY D 195 11.37 0.60 20.51
C GLY D 195 10.69 -0.50 19.86
C GLY D 195 10.77 -0.22 19.38
N LEU D 196 9.47 -1.02 19.81
N LEU D 196 9.62 -0.84 19.62
CA LEU D 196 8.85 -1.44 18.56
CA LEU D 196 8.86 -1.45 18.55
C LEU D 196 7.65 -0.56 18.24
C LEU D 196 7.64 -0.59 18.24
N THR D 197 7.14 -0.68 17.01
CA THR D 197 5.87 -0.09 16.66
C THR D 197 4.72 -1.05 17.00
N PRO D 198 3.50 -0.52 17.17
CA PRO D 198 2.35 -1.41 17.38
C PRO D 198 2.18 -2.36 16.20
N GLN D 199 2.48 -1.89 14.99
CA GLN D 199 2.43 -2.78 13.83
C GLN D 199 3.35 -4.00 13.95
N GLN D 200 4.57 -3.77 14.43
CA GLN D 200 5.56 -4.83 14.62
C GLN D 200 5.13 -5.79 15.74
N VAL D 201 4.51 -5.26 16.78
CA VAL D 201 4.02 -6.13 17.86
C VAL D 201 2.89 -7.04 17.36
N VAL D 202 1.96 -6.47 16.61
CA VAL D 202 0.88 -7.26 16.03
C VAL D 202 1.41 -8.34 15.10
N ALA D 203 2.42 -7.99 14.31
CA ALA D 203 3.01 -8.94 13.37
C ALA D 203 3.62 -10.13 14.11
N ILE D 204 4.36 -9.87 15.18
CA ILE D 204 4.95 -10.96 15.94
C ILE D 204 3.84 -11.81 16.57
N ALA D 205 2.85 -11.16 17.15
CA ALA D 205 1.75 -11.89 17.78
C ALA D 205 0.89 -12.65 16.79
N SER D 206 0.91 -12.23 15.52
CA SER D 206 0.05 -12.84 14.49
C SER D 206 0.72 -13.98 13.72
N ASN D 207 2.04 -14.09 13.83
CA ASN D 207 2.81 -15.01 12.98
C ASN D 207 3.22 -16.40 13.46
N GLY D 208 2.68 -16.86 14.58
CA GLY D 208 2.96 -18.22 15.01
C GLY D 208 3.76 -18.30 16.28
N GLY D 209 4.66 -17.33 16.47
CA GLY D 209 5.63 -17.38 17.56
C GLY D 209 4.99 -16.93 18.87
N GLY D 210 3.89 -16.20 18.75
CA GLY D 210 2.99 -15.91 19.87
C GLY D 210 3.58 -15.30 21.13
N LYS D 211 3.05 -15.75 22.27
CA LYS D 211 3.50 -15.28 23.59
C LYS D 211 5.01 -15.42 23.79
N GLN D 212 5.55 -16.60 23.46
CA GLN D 212 6.98 -16.84 23.65
C GLN D 212 7.82 -15.87 22.81
N ALA D 213 7.41 -15.62 21.58
CA ALA D 213 8.18 -14.71 20.74
C ALA D 213 8.09 -13.28 21.29
N LEU D 214 6.90 -12.85 21.71
CA LEU D 214 6.72 -11.51 22.27
C LEU D 214 7.54 -11.33 23.55
N GLU D 215 7.52 -12.34 24.43
CA GLU D 215 8.28 -12.27 25.67
C GLU D 215 9.79 -12.25 25.45
N THR D 216 10.25 -12.99 24.46
CA THR D 216 11.67 -13.08 24.15
C THR D 216 12.16 -11.78 23.49
N VAL D 217 11.32 -11.16 22.67
CA VAL D 217 11.69 -9.85 22.11
C VAL D 217 11.77 -8.80 23.22
N GLN D 218 10.79 -8.78 24.12
CA GLN D 218 10.90 -7.88 25.26
C GLN D 218 12.24 -8.08 25.97
N ARG D 219 12.59 -9.35 26.18
CA ARG D 219 13.79 -9.70 26.92
C ARG D 219 15.11 -9.40 26.18
N LEU D 220 15.12 -9.64 24.87
CA LEU D 220 16.38 -9.64 24.13
C LEU D 220 16.56 -8.49 23.16
N LEU D 221 15.51 -7.69 22.96
CA LEU D 221 15.64 -6.60 22.01
C LEU D 221 16.81 -5.68 22.36
N PRO D 222 16.94 -5.26 23.63
CA PRO D 222 18.03 -4.34 23.95
C PRO D 222 19.39 -4.94 23.59
N VAL D 223 19.68 -6.17 24.03
CA VAL D 223 21.01 -6.76 23.76
C VAL D 223 21.23 -7.13 22.30
N LEU D 224 20.19 -7.61 21.62
CA LEU D 224 20.32 -7.92 20.19
C LEU D 224 20.59 -6.65 19.37
N CYS D 225 19.93 -5.56 19.74
CA CYS D 225 20.05 -4.31 18.99
C CYS D 225 21.27 -3.47 19.35
N GLN D 226 21.80 -3.65 20.56
CA GLN D 226 22.98 -2.88 20.95
C GLN D 226 24.23 -3.71 20.75
N ALA D 227 24.54 -4.56 21.73
CA ALA D 227 25.73 -5.39 21.67
C ALA D 227 25.84 -6.24 20.39
N HIS D 228 24.72 -6.77 19.91
CA HIS D 228 24.76 -7.63 18.73
C HIS D 228 24.53 -6.88 17.42
N GLY D 229 24.23 -5.58 17.54
CA GLY D 229 24.17 -4.71 16.38
C GLY D 229 23.03 -4.92 15.38
N LEU D 230 22.02 -5.71 15.74
CA LEU D 230 20.89 -5.93 14.84
C LEU D 230 19.95 -4.73 14.82
N THR D 231 19.19 -4.57 13.74
CA THR D 231 18.13 -3.57 13.75
C THR D 231 16.87 -4.15 14.42
N PRO D 232 15.98 -3.28 14.91
CA PRO D 232 14.70 -3.77 15.41
C PRO D 232 13.96 -4.52 14.31
N GLN D 233 14.06 -4.04 13.08
CA GLN D 233 13.46 -4.75 11.94
C GLN D 233 13.95 -6.20 11.83
N GLN D 234 15.25 -6.40 11.99
CA GLN D 234 15.82 -7.74 11.90
C GLN D 234 15.32 -8.61 13.04
N VAL D 235 15.22 -8.01 14.23
CA VAL D 235 14.75 -8.76 15.39
C VAL D 235 13.30 -9.19 15.17
N VAL D 236 12.49 -8.28 14.68
CA VAL D 236 11.10 -8.58 14.35
C VAL D 236 10.96 -9.67 13.29
N ALA D 237 11.84 -9.65 12.28
CA ALA D 237 11.78 -10.69 11.25
C ALA D 237 12.06 -12.07 11.86
N ILE D 238 13.05 -12.16 12.74
CA ILE D 238 13.36 -13.43 13.41
C ILE D 238 12.21 -13.86 14.33
N ALA D 239 11.61 -12.90 15.03
CA ALA D 239 10.53 -13.22 15.95
C ALA D 239 9.25 -13.66 15.25
N SER D 240 9.12 -13.29 13.97
CA SER D 240 7.82 -13.45 13.28
C SER D 240 7.60 -14.78 12.58
N ASN D 241 7.97 -15.88 13.24
CA ASN D 241 7.59 -17.22 12.81
C ASN D 241 7.30 -18.04 14.07
N GLY D 242 6.60 -19.15 13.91
CA GLY D 242 6.49 -20.07 15.04
C GLY D 242 7.90 -20.45 15.51
N GLY D 243 8.09 -20.66 16.82
CA GLY D 243 9.42 -20.94 17.33
C GLY D 243 10.36 -19.73 17.29
N GLY D 244 9.80 -18.54 17.08
CA GLY D 244 10.57 -17.29 17.09
C GLY D 244 11.47 -17.19 18.31
N LYS D 245 10.96 -17.56 19.47
CA LYS D 245 11.78 -17.51 20.70
C LYS D 245 13.06 -18.31 20.52
N GLN D 246 12.92 -19.52 19.96
CA GLN D 246 14.07 -20.39 19.76
C GLN D 246 15.10 -19.78 18.78
N ALA D 247 14.62 -19.22 17.68
CA ALA D 247 15.50 -18.57 16.73
C ALA D 247 16.22 -17.37 17.39
N LEU D 248 15.49 -16.56 18.14
CA LEU D 248 16.05 -15.38 18.79
C LEU D 248 17.18 -15.79 19.75
N GLU D 249 16.92 -16.78 20.58
CA GLU D 249 17.92 -17.24 21.54
C GLU D 249 19.12 -17.84 20.82
N THR D 250 18.86 -18.48 19.69
CA THR D 250 19.96 -19.13 18.97
C THR D 250 20.82 -18.10 18.25
N VAL D 251 20.19 -17.04 17.74
CA VAL D 251 20.93 -15.92 17.16
C VAL D 251 21.81 -15.26 18.24
N GLN D 252 21.24 -15.05 19.41
CA GLN D 252 21.99 -14.48 20.52
C GLN D 252 23.26 -15.29 20.75
N ARG D 253 23.11 -16.62 20.77
CA ARG D 253 24.23 -17.49 21.09
C ARG D 253 25.21 -17.66 19.94
N LEU D 254 24.71 -17.77 18.71
CA LEU D 254 25.58 -18.10 17.58
C LEU D 254 26.16 -16.90 16.80
N LEU D 255 25.61 -15.71 16.99
CA LEU D 255 26.18 -14.53 16.33
C LEU D 255 27.69 -14.40 16.63
N PRO D 256 28.08 -14.50 17.92
CA PRO D 256 29.51 -14.37 18.24
C PRO D 256 30.34 -15.49 17.61
N VAL D 257 29.71 -16.64 17.42
CA VAL D 257 30.42 -17.80 16.92
C VAL D 257 30.56 -17.81 15.41
N LEU D 258 29.49 -17.43 14.72
CA LEU D 258 29.45 -17.54 13.26
C LEU D 258 29.97 -16.32 12.53
N CYS D 259 30.02 -15.18 13.22
CA CYS D 259 30.43 -13.95 12.58
C CYS D 259 31.84 -13.52 12.97
N GLN D 260 32.76 -14.47 13.07
CA GLN D 260 34.13 -14.06 13.25
C GLN D 260 34.80 -13.79 11.90
N ALA D 261 36.09 -13.46 11.92
CA ALA D 261 36.79 -13.10 10.69
C ALA D 261 36.54 -14.13 9.61
N HIS D 262 36.18 -13.65 8.42
CA HIS D 262 35.90 -14.53 7.30
C HIS D 262 34.93 -15.66 7.69
N GLY D 263 33.95 -15.32 8.51
CA GLY D 263 32.82 -16.20 8.75
C GLY D 263 31.62 -15.63 8.03
N LEU D 264 30.45 -15.71 8.65
CA LEU D 264 29.24 -15.14 8.07
C LEU D 264 29.06 -13.71 8.55
N THR D 265 28.25 -12.95 7.83
CA THR D 265 27.83 -11.64 8.30
C THR D 265 26.57 -11.77 9.13
N PRO D 266 26.33 -10.80 10.01
CA PRO D 266 25.05 -10.72 10.74
C PRO D 266 23.85 -10.85 9.80
N GLN D 267 23.92 -10.22 8.64
CA GLN D 267 22.82 -10.28 7.69
C GLN D 267 22.54 -11.72 7.20
N GLN D 268 23.61 -12.50 7.01
CA GLN D 268 23.46 -13.89 6.63
C GLN D 268 22.80 -14.70 7.74
N VAL D 269 23.25 -14.48 8.97
CA VAL D 269 22.69 -15.12 10.14
C VAL D 269 21.20 -14.77 10.30
N VAL D 270 20.86 -13.50 10.10
CA VAL D 270 19.47 -13.10 10.21
C VAL D 270 18.64 -13.84 9.15
N ALA D 271 19.19 -13.97 7.95
CA ALA D 271 18.42 -14.61 6.87
C ALA D 271 18.14 -16.08 7.18
N ILE D 272 19.13 -16.75 7.75
CA ILE D 272 18.97 -18.15 8.16
C ILE D 272 17.95 -18.27 9.32
N ALA D 273 18.00 -17.34 10.26
CA ALA D 273 17.13 -17.39 11.43
C ALA D 273 15.67 -16.99 11.16
N SER D 274 15.43 -16.28 10.07
CA SER D 274 14.12 -15.68 9.82
C SER D 274 13.14 -16.61 9.12
N ASN D 275 13.29 -17.92 9.30
CA ASN D 275 12.30 -18.86 8.77
C ASN D 275 11.80 -19.73 9.91
N SER D 276 10.68 -20.43 9.71
CA SER D 276 10.27 -21.44 10.68
C SER D 276 11.44 -22.41 10.87
N GLY D 277 11.66 -22.89 12.10
CA GLY D 277 12.82 -23.73 12.36
C GLY D 277 14.17 -23.03 12.25
N GLY D 278 14.19 -21.71 12.32
CA GLY D 278 15.45 -20.98 12.23
C GLY D 278 16.52 -21.45 13.20
N LYS D 279 16.12 -21.85 14.38
CA LYS D 279 17.08 -22.42 15.32
C LYS D 279 17.78 -23.65 14.76
N GLN D 280 16.99 -24.55 14.16
CA GLN D 280 17.53 -25.78 13.58
C GLN D 280 18.45 -25.49 12.40
N ALA D 281 18.03 -24.56 11.55
CA ALA D 281 18.83 -24.17 10.39
C ALA D 281 20.18 -23.63 10.84
N LEU D 282 20.16 -22.76 11.83
CA LEU D 282 21.41 -22.15 12.31
C LEU D 282 22.36 -23.16 12.93
N GLU D 283 21.82 -24.03 13.79
CA GLU D 283 22.63 -25.08 14.42
C GLU D 283 23.22 -26.05 13.38
N THR D 284 22.46 -26.33 12.34
CA THR D 284 22.91 -27.23 11.27
C THR D 284 23.97 -26.58 10.39
N VAL D 285 23.83 -25.27 10.15
CA VAL D 285 24.88 -24.55 9.42
C VAL D 285 26.18 -24.65 10.24
N GLN D 286 26.08 -24.41 11.53
CA GLN D 286 27.28 -24.51 12.38
C GLN D 286 27.93 -25.88 12.24
N ARG D 287 27.10 -26.92 12.30
CA ARG D 287 27.57 -28.29 12.27
C ARG D 287 28.14 -28.73 10.92
N LEU D 288 27.49 -28.32 9.83
CA LEU D 288 27.73 -28.91 8.52
C LEU D 288 28.44 -28.03 7.51
N LEU D 289 28.56 -26.73 7.77
CA LEU D 289 29.19 -25.88 6.77
C LEU D 289 30.59 -26.39 6.38
N PRO D 290 31.44 -26.70 7.37
CA PRO D 290 32.78 -27.17 6.99
C PRO D 290 32.79 -28.46 6.18
N VAL D 291 31.91 -29.40 6.54
CA VAL D 291 31.94 -30.72 5.92
C VAL D 291 31.29 -30.70 4.53
N LEU D 292 30.28 -29.85 4.35
CA LEU D 292 29.67 -29.71 3.03
C LEU D 292 30.65 -29.07 2.06
N CYS D 293 31.47 -28.16 2.56
CA CYS D 293 32.46 -27.49 1.72
C CYS D 293 33.64 -28.40 1.37
N GLN D 294 34.13 -29.15 2.35
CA GLN D 294 35.21 -30.11 2.09
C GLN D 294 34.77 -31.30 1.25
N ALA D 295 33.78 -32.04 1.75
CA ALA D 295 33.40 -33.33 1.19
C ALA D 295 32.69 -33.26 -0.15
N HIS D 296 31.80 -32.28 -0.30
CA HIS D 296 30.95 -32.22 -1.49
C HIS D 296 31.25 -31.03 -2.38
N GLY D 297 32.30 -30.30 -2.05
CA GLY D 297 32.77 -29.21 -2.89
C GLY D 297 31.90 -27.96 -2.93
N LEU D 298 30.98 -27.82 -1.97
CA LEU D 298 30.17 -26.61 -1.89
C LEU D 298 30.97 -25.43 -1.37
N THR D 299 30.42 -24.22 -1.52
CA THR D 299 31.01 -23.01 -0.95
C THR D 299 30.14 -22.51 0.19
N PRO D 300 30.71 -21.71 1.10
CA PRO D 300 29.92 -21.16 2.22
C PRO D 300 28.66 -20.44 1.74
N GLN D 301 28.75 -19.70 0.64
CA GLN D 301 27.60 -19.00 0.10
C GLN D 301 26.46 -19.96 -0.30
N GLN D 302 26.83 -21.09 -0.88
CA GLN D 302 25.85 -22.10 -1.23
C GLN D 302 25.18 -22.71 -0.01
N VAL D 303 25.98 -22.99 1.01
CA VAL D 303 25.48 -23.55 2.26
C VAL D 303 24.50 -22.58 2.89
N VAL D 304 24.88 -21.30 2.94
CA VAL D 304 23.98 -20.28 3.46
C VAL D 304 22.70 -20.20 2.63
N ALA D 305 22.82 -20.33 1.32
CA ALA D 305 21.65 -20.24 0.45
C ALA D 305 20.66 -21.38 0.75
N ILE D 306 21.19 -22.57 0.93
CA ILE D 306 20.35 -23.72 1.27
C ILE D 306 19.68 -23.52 2.63
N ALA D 307 20.46 -23.03 3.59
CA ALA D 307 19.99 -22.85 4.96
C ALA D 307 18.93 -21.75 5.08
N SER D 308 18.87 -20.86 4.10
CA SER D 308 18.02 -19.68 4.23
C SER D 308 16.56 -19.85 3.82
N ASN D 309 16.09 -21.10 3.84
CA ASN D 309 14.69 -21.39 3.63
C ASN D 309 14.13 -22.13 4.83
N GLY D 310 12.80 -22.13 4.97
CA GLY D 310 12.15 -22.94 5.96
C GLY D 310 12.56 -24.38 5.72
N GLY D 311 12.79 -25.12 6.80
CA GLY D 311 13.24 -26.50 6.70
C GLY D 311 14.70 -26.58 6.27
N GLY D 312 15.43 -25.48 6.43
CA GLY D 312 16.85 -25.45 6.10
C GLY D 312 17.67 -26.60 6.68
N LYS D 313 17.42 -26.98 7.93
CA LYS D 313 18.07 -28.16 8.49
C LYS D 313 17.84 -29.40 7.62
N GLN D 314 16.58 -29.66 7.28
CA GLN D 314 16.25 -30.82 6.44
C GLN D 314 16.96 -30.79 5.07
N ALA D 315 17.00 -29.62 4.44
CA ALA D 315 17.66 -29.50 3.15
C ALA D 315 19.18 -29.76 3.23
N LEU D 316 19.83 -29.19 4.25
CA LEU D 316 21.27 -29.35 4.41
C LEU D 316 21.65 -30.81 4.66
N GLU D 317 20.91 -31.44 5.57
CA GLU D 317 21.15 -32.85 5.87
C GLU D 317 20.89 -33.72 4.66
N THR D 318 19.90 -33.35 3.85
CA THR D 318 19.57 -34.14 2.66
C THR D 318 20.59 -33.93 1.54
N VAL D 319 21.13 -32.73 1.44
CA VAL D 319 22.25 -32.47 0.52
C VAL D 319 23.43 -33.32 0.95
N GLN D 320 23.73 -33.34 2.24
CA GLN D 320 24.86 -34.11 2.73
C GLN D 320 24.70 -35.57 2.32
N ARG D 321 23.48 -36.06 2.46
CA ARG D 321 23.16 -37.45 2.21
C ARG D 321 23.12 -37.79 0.72
N LEU D 322 22.47 -36.94 -0.08
CA LEU D 322 22.11 -37.32 -1.45
C LEU D 322 22.94 -36.68 -2.56
N LEU D 323 23.73 -35.65 -2.25
CA LEU D 323 24.52 -35.02 -3.30
C LEU D 323 25.37 -36.06 -4.07
N PRO D 324 26.08 -36.94 -3.35
CA PRO D 324 26.89 -37.94 -4.05
C PRO D 324 26.06 -38.84 -4.95
N VAL D 325 24.99 -39.41 -4.39
CA VAL D 325 24.09 -40.27 -5.15
C VAL D 325 23.56 -39.58 -6.40
N LEU D 326 23.11 -38.34 -6.24
CA LEU D 326 22.52 -37.59 -7.35
C LEU D 326 23.52 -37.24 -8.44
N CYS D 327 24.75 -36.93 -8.05
CA CYS D 327 25.79 -36.57 -9.02
C CYS D 327 26.34 -37.81 -9.73
N GLN D 328 26.61 -38.86 -8.96
CA GLN D 328 27.24 -40.07 -9.51
C GLN D 328 26.27 -40.93 -10.31
N ALA D 329 25.09 -41.18 -9.76
CA ALA D 329 24.12 -42.07 -10.39
C ALA D 329 23.20 -41.38 -11.39
N HIS D 330 22.91 -40.10 -11.16
CA HIS D 330 21.95 -39.38 -11.99
C HIS D 330 22.54 -38.30 -12.84
N GLY D 331 23.84 -38.06 -12.67
CA GLY D 331 24.59 -37.17 -13.55
C GLY D 331 24.39 -35.69 -13.33
N LEU D 332 23.83 -35.31 -12.18
CA LEU D 332 23.66 -33.90 -11.86
C LEU D 332 24.95 -33.29 -11.35
N THR D 333 25.02 -31.96 -11.37
CA THR D 333 26.15 -31.23 -10.81
C THR D 333 25.80 -30.72 -9.43
N PRO D 334 26.81 -30.47 -8.59
CA PRO D 334 26.59 -29.82 -7.29
C PRO D 334 25.73 -28.57 -7.41
N GLN D 335 25.98 -27.73 -8.43
CA GLN D 335 25.17 -26.55 -8.63
C GLN D 335 23.68 -26.87 -8.78
N GLN D 336 23.38 -27.89 -9.56
CA GLN D 336 21.98 -28.29 -9.76
C GLN D 336 21.38 -28.85 -8.47
N VAL D 337 22.18 -29.57 -7.69
CA VAL D 337 21.72 -30.10 -6.41
C VAL D 337 21.45 -28.96 -5.45
N VAL D 338 22.35 -27.98 -5.42
CA VAL D 338 22.11 -26.80 -4.60
C VAL D 338 20.84 -26.09 -5.03
N ALA D 339 20.64 -25.94 -6.35
CA ALA D 339 19.46 -25.24 -6.86
C ALA D 339 18.17 -25.90 -6.37
N ILE D 340 18.12 -27.23 -6.40
CA ILE D 340 16.93 -27.93 -5.96
C ILE D 340 16.73 -27.78 -4.44
N ALA D 341 17.83 -27.82 -3.70
CA ALA D 341 17.78 -27.74 -2.25
C ALA D 341 17.37 -26.37 -1.70
N SER D 342 17.54 -25.32 -2.53
CA SER D 342 17.41 -23.94 -2.03
C SER D 342 15.99 -23.36 -2.11
N HIS D 343 15.00 -24.10 -1.64
CA HIS D 343 13.61 -23.65 -1.57
C HIS D 343 12.97 -24.32 -0.36
N ASP D 344 11.91 -23.75 0.19
CA ASP D 344 11.15 -24.47 1.22
C ASP D 344 10.84 -25.86 0.66
N GLY D 345 10.98 -26.88 1.49
CA GLY D 345 10.71 -28.24 1.07
C GLY D 345 11.83 -28.84 0.24
N GLY D 346 13.00 -28.22 0.27
CA GLY D 346 14.15 -28.70 -0.50
C GLY D 346 14.42 -30.19 -0.31
N LYS D 347 14.28 -30.67 0.92
CA LYS D 347 14.42 -32.11 1.18
C LYS D 347 13.45 -32.93 0.35
N GLN D 348 12.18 -32.51 0.35
CA GLN D 348 11.13 -33.21 -0.39
C GLN D 348 11.43 -33.23 -1.88
N ALA D 349 11.86 -32.09 -2.41
CA ALA D 349 12.22 -31.99 -3.82
C ALA D 349 13.42 -32.89 -4.15
N LEU D 350 14.43 -32.88 -3.32
CA LEU D 350 15.63 -33.70 -3.56
C LEU D 350 15.29 -35.20 -3.62
N GLU D 351 14.53 -35.65 -2.64
CA GLU D 351 14.15 -37.06 -2.56
C GLU D 351 13.24 -37.47 -3.71
N THR D 352 12.44 -36.51 -4.18
CA THR D 352 11.54 -36.79 -5.27
C THR D 352 12.29 -36.81 -6.61
N VAL D 353 13.30 -35.96 -6.74
CA VAL D 353 14.16 -36.00 -7.92
C VAL D 353 14.90 -37.33 -8.00
N GLN D 354 15.46 -37.76 -6.87
CA GLN D 354 16.17 -39.04 -6.84
C GLN D 354 15.25 -40.19 -7.28
N ARG D 355 14.01 -40.14 -6.82
CA ARG D 355 13.04 -41.19 -7.11
C ARG D 355 12.45 -41.12 -8.52
N LEU D 356 12.09 -39.92 -8.96
CA LEU D 356 11.31 -39.78 -10.19
C LEU D 356 12.14 -39.46 -11.45
N LEU D 357 13.40 -39.13 -11.27
CA LEU D 357 14.20 -38.65 -12.40
C LEU D 357 14.34 -39.69 -13.54
N PRO D 358 14.62 -40.95 -13.18
CA PRO D 358 14.66 -42.01 -14.20
C PRO D 358 13.34 -42.15 -14.92
N VAL D 359 12.25 -42.25 -14.17
CA VAL D 359 10.93 -42.44 -14.74
C VAL D 359 10.54 -41.29 -15.68
N LEU D 360 10.86 -40.07 -15.27
CA LEU D 360 10.53 -38.89 -16.07
C LEU D 360 11.39 -38.77 -17.33
N CYS D 361 12.65 -39.20 -17.25
CA CYS D 361 13.54 -39.08 -18.40
C CYS D 361 13.34 -40.21 -19.41
N GLN D 362 13.12 -41.43 -18.90
CA GLN D 362 12.89 -42.60 -19.74
C GLN D 362 11.47 -42.63 -20.32
N ALA D 363 10.48 -42.74 -19.44
CA ALA D 363 9.10 -43.02 -19.86
C ALA D 363 8.37 -41.82 -20.45
N HIS D 364 8.70 -40.62 -19.98
CA HIS D 364 8.01 -39.41 -20.42
C HIS D 364 8.83 -38.57 -21.35
N GLY D 365 10.13 -38.83 -21.40
CA GLY D 365 11.00 -38.19 -22.37
C GLY D 365 11.51 -36.80 -22.02
N LEU D 366 11.48 -36.44 -20.74
CA LEU D 366 12.05 -35.18 -20.30
C LEU D 366 13.57 -35.33 -20.14
N THR D 367 14.29 -34.21 -20.25
CA THR D 367 15.72 -34.21 -19.97
C THR D 367 15.94 -33.95 -18.50
N PRO D 368 17.11 -34.37 -17.97
CA PRO D 368 17.40 -34.09 -16.56
C PRO D 368 17.32 -32.59 -16.28
N GLU D 369 17.71 -31.75 -17.23
CA GLU D 369 17.64 -30.30 -17.03
C GLU D 369 16.21 -29.83 -16.81
N GLN D 370 15.27 -30.41 -17.55
CA GLN D 370 13.85 -30.07 -17.35
C GLN D 370 13.36 -30.54 -15.98
N VAL D 371 13.79 -31.73 -15.56
CA VAL D 371 13.43 -32.25 -14.25
C VAL D 371 13.99 -31.35 -13.14
N VAL D 372 15.24 -30.92 -13.29
CA VAL D 372 15.83 -30.01 -12.33
C VAL D 372 15.03 -28.70 -12.28
N ALA D 373 14.63 -28.20 -13.46
CA ALA D 373 13.90 -26.95 -13.53
C ALA D 373 12.57 -27.03 -12.79
N ILE D 374 11.84 -28.14 -12.97
CA ILE D 374 10.58 -28.35 -12.26
C ILE D 374 10.81 -28.46 -10.75
N ALA D 375 11.88 -29.15 -10.36
CA ALA D 375 12.15 -29.38 -8.94
C ALA D 375 12.60 -28.12 -8.19
N SER D 376 13.15 -27.16 -8.93
CA SER D 376 13.80 -26.00 -8.33
C SER D 376 12.85 -24.84 -8.02
N ASN D 377 11.78 -25.14 -7.30
CA ASN D 377 10.81 -24.15 -6.85
C ASN D 377 10.22 -24.68 -5.55
N GLY D 378 9.62 -23.81 -4.75
CA GLY D 378 8.90 -24.29 -3.57
C GLY D 378 7.82 -25.27 -4.01
N GLY D 379 7.65 -26.34 -3.24
CA GLY D 379 6.68 -27.37 -3.58
C GLY D 379 7.12 -28.19 -4.77
N GLY D 380 8.42 -28.24 -5.00
CA GLY D 380 8.97 -28.95 -6.14
C GLY D 380 8.51 -30.39 -6.23
N LYS D 381 8.41 -31.05 -5.09
CA LYS D 381 7.91 -32.43 -5.03
C LYS D 381 6.50 -32.51 -5.61
N GLN D 382 5.65 -31.57 -5.21
CA GLN D 382 4.27 -31.54 -5.70
C GLN D 382 4.24 -31.37 -7.22
N ALA D 383 5.09 -30.49 -7.74
CA ALA D 383 5.11 -30.24 -9.18
C ALA D 383 5.65 -31.43 -9.97
N LEU D 384 6.74 -32.03 -9.49
CA LEU D 384 7.28 -33.24 -10.12
C LEU D 384 6.25 -34.38 -10.18
N GLU D 385 5.60 -34.66 -9.05
CA GLU D 385 4.61 -35.74 -9.03
C GLU D 385 3.43 -35.43 -9.95
N THR D 386 3.11 -34.16 -10.10
CA THR D 386 1.95 -33.80 -10.92
C THR D 386 2.30 -33.89 -12.41
N VAL D 387 3.53 -33.57 -12.76
CA VAL D 387 4.00 -33.73 -14.13
C VAL D 387 3.95 -35.20 -14.51
N GLN D 388 4.44 -36.05 -13.61
CA GLN D 388 4.38 -37.49 -13.87
C GLN D 388 2.95 -37.94 -14.15
N ARG D 389 2.00 -37.35 -13.43
CA ARG D 389 0.61 -37.78 -13.51
C ARG D 389 -0.12 -37.20 -14.73
N LEU D 390 0.13 -35.93 -15.03
CA LEU D 390 -0.68 -35.21 -16.03
C LEU D 390 -0.01 -35.01 -17.40
N LEU D 391 1.28 -35.28 -17.50
CA LEU D 391 2.00 -35.05 -18.74
C LEU D 391 1.33 -35.77 -19.93
N PRO D 392 1.06 -37.07 -19.78
CA PRO D 392 0.44 -37.77 -20.91
C PRO D 392 -0.94 -37.24 -21.28
N VAL D 393 -1.79 -36.95 -20.30
CA VAL D 393 -3.13 -36.45 -20.60
C VAL D 393 -3.12 -35.02 -21.18
N LEU D 394 -2.23 -34.17 -20.65
CA LEU D 394 -2.07 -32.83 -21.20
C LEU D 394 -1.55 -32.82 -22.64
N CYS D 395 -0.71 -33.80 -22.97
CA CYS D 395 -0.15 -33.86 -24.32
C CYS D 395 -1.10 -34.53 -25.31
N GLN D 396 -1.82 -35.54 -24.84
CA GLN D 396 -2.69 -36.33 -25.70
C GLN D 396 -4.08 -35.71 -25.89
N ALA D 397 -4.70 -35.29 -24.79
CA ALA D 397 -6.08 -34.79 -24.85
C ALA D 397 -6.16 -33.29 -25.15
N HIS D 398 -5.20 -32.52 -24.68
CA HIS D 398 -5.23 -31.08 -24.88
C HIS D 398 -4.16 -30.63 -25.87
N GLY D 399 -3.41 -31.59 -26.40
CA GLY D 399 -2.41 -31.33 -27.42
C GLY D 399 -1.25 -30.40 -27.07
N LEU D 400 -0.90 -30.33 -25.78
CA LEU D 400 0.25 -29.51 -25.40
C LEU D 400 1.53 -30.25 -25.69
N THR D 401 2.64 -29.52 -25.78
CA THR D 401 3.94 -30.15 -25.90
C THR D 401 4.55 -30.37 -24.51
N PRO D 402 5.53 -31.28 -24.42
CA PRO D 402 6.22 -31.49 -23.13
C PRO D 402 6.88 -30.21 -22.64
N GLU D 403 7.46 -29.44 -23.56
CA GLU D 403 8.07 -28.16 -23.20
C GLU D 403 7.06 -27.22 -22.54
N GLN D 404 5.84 -27.18 -23.05
CA GLN D 404 4.79 -26.35 -22.47
C GLN D 404 4.39 -26.88 -21.09
N VAL D 405 4.31 -28.20 -20.95
CA VAL D 405 3.96 -28.75 -19.64
C VAL D 405 5.04 -28.42 -18.62
N VAL D 406 6.30 -28.57 -19.03
CA VAL D 406 7.42 -28.21 -18.16
C VAL D 406 7.39 -26.73 -17.76
N ALA D 407 7.01 -25.86 -18.70
CA ALA D 407 6.99 -24.43 -18.40
C ALA D 407 5.90 -24.11 -17.37
N ILE D 408 4.74 -24.74 -17.53
CA ILE D 408 3.64 -24.55 -16.59
C ILE D 408 4.07 -25.00 -15.18
N ALA D 409 4.79 -26.12 -15.12
CA ALA D 409 5.19 -26.73 -13.85
C ALA D 409 6.35 -26.02 -13.14
N SER D 410 7.15 -25.27 -13.89
CA SER D 410 8.40 -24.73 -13.34
C SER D 410 8.26 -23.42 -12.59
N HIS D 411 7.27 -23.34 -11.70
CA HIS D 411 7.06 -22.20 -10.83
C HIS D 411 6.46 -22.68 -9.51
N ASP D 412 6.62 -21.90 -8.45
CA ASP D 412 5.87 -22.17 -7.21
C ASP D 412 4.41 -22.40 -7.56
N GLY D 413 3.84 -23.45 -6.98
CA GLY D 413 2.45 -23.79 -7.21
C GLY D 413 2.25 -24.49 -8.55
N GLY D 414 3.34 -25.00 -9.11
CA GLY D 414 3.27 -25.72 -10.37
C GLY D 414 2.17 -26.77 -10.41
N LYS D 415 2.03 -27.54 -9.34
CA LYS D 415 0.94 -28.51 -9.26
C LYS D 415 -0.43 -27.86 -9.51
N GLN D 416 -0.68 -26.74 -8.82
CA GLN D 416 -1.98 -26.06 -8.97
C GLN D 416 -2.18 -25.59 -10.42
N ALA D 417 -1.14 -25.00 -11.00
CA ALA D 417 -1.24 -24.48 -12.37
C ALA D 417 -1.53 -25.58 -13.36
N LEU D 418 -0.81 -26.69 -13.26
CA LEU D 418 -1.06 -27.84 -14.13
C LEU D 418 -2.51 -28.32 -14.02
N GLU D 419 -2.98 -28.50 -12.79
CA GLU D 419 -4.33 -29.00 -12.59
C GLU D 419 -5.35 -28.02 -13.11
N THR D 420 -5.02 -26.74 -13.08
CA THR D 420 -5.98 -25.73 -13.49
C THR D 420 -6.01 -25.63 -15.00
N VAL D 421 -4.85 -25.74 -15.61
CA VAL D 421 -4.75 -25.81 -17.07
C VAL D 421 -5.59 -26.98 -17.56
N GLN D 422 -5.47 -28.13 -16.88
CA GLN D 422 -6.26 -29.29 -17.24
C GLN D 422 -7.75 -28.97 -17.21
N ARG D 423 -8.18 -28.26 -16.17
CA ARG D 423 -9.60 -27.91 -15.99
C ARG D 423 -10.11 -26.86 -16.99
N LEU D 424 -9.32 -25.83 -17.23
CA LEU D 424 -9.84 -24.60 -17.83
C LEU D 424 -9.45 -24.38 -19.29
N LEU D 425 -8.43 -25.09 -19.77
CA LEU D 425 -7.99 -24.94 -21.15
C LEU D 425 -9.14 -25.04 -22.17
N PRO D 426 -10.01 -26.05 -22.01
CA PRO D 426 -11.14 -26.25 -22.93
C PRO D 426 -12.09 -25.05 -23.02
N VAL D 427 -12.52 -24.52 -21.88
CA VAL D 427 -13.44 -23.39 -21.90
C VAL D 427 -12.75 -22.12 -22.39
N LEU D 428 -11.52 -21.91 -21.95
CA LEU D 428 -10.76 -20.74 -22.40
C LEU D 428 -10.57 -20.72 -23.93
N CYS D 429 -10.26 -21.87 -24.51
CA CYS D 429 -10.05 -21.96 -25.95
C CYS D 429 -11.36 -22.00 -26.75
N GLN D 430 -12.29 -22.84 -26.33
CA GLN D 430 -13.51 -23.10 -27.10
C GLN D 430 -14.60 -22.05 -26.92
N ALA D 431 -14.69 -21.48 -25.73
CA ALA D 431 -15.74 -20.51 -25.43
C ALA D 431 -15.30 -19.07 -25.59
N HIS D 432 -14.02 -18.79 -25.36
CA HIS D 432 -13.54 -17.41 -25.36
C HIS D 432 -12.42 -17.15 -26.36
N GLY D 433 -12.12 -18.17 -27.16
CA GLY D 433 -11.24 -18.03 -28.31
C GLY D 433 -9.76 -17.83 -28.02
N LEU D 434 -9.31 -18.19 -26.83
CA LEU D 434 -7.88 -18.18 -26.56
C LEU D 434 -7.22 -19.33 -27.30
N THR D 435 -5.91 -19.24 -27.46
CA THR D 435 -5.15 -20.36 -27.98
C THR D 435 -4.51 -21.10 -26.81
N PRO D 436 -4.19 -22.39 -27.00
CA PRO D 436 -3.42 -23.08 -25.96
C PRO D 436 -2.14 -22.33 -25.62
N GLN D 437 -1.53 -21.65 -26.60
CA GLN D 437 -0.32 -20.87 -26.35
C GLN D 437 -0.58 -19.79 -25.32
N GLN D 438 -1.73 -19.14 -25.43
CA GLN D 438 -2.07 -18.03 -24.53
C GLN D 438 -2.39 -18.55 -23.14
N VAL D 439 -3.06 -19.69 -23.08
CA VAL D 439 -3.37 -20.30 -21.78
C VAL D 439 -2.08 -20.69 -21.07
N VAL D 440 -1.16 -21.32 -21.82
CA VAL D 440 0.14 -21.70 -21.28
C VAL D 440 0.92 -20.49 -20.76
N ALA D 441 0.88 -19.40 -21.51
CA ALA D 441 1.56 -18.17 -21.12
C ALA D 441 1.02 -17.65 -19.78
N ILE D 442 -0.30 -17.62 -19.65
CA ILE D 442 -0.92 -17.20 -18.40
C ILE D 442 -0.54 -18.08 -17.21
N ALA D 443 -0.61 -19.39 -17.44
CA ALA D 443 -0.31 -20.37 -16.38
C ALA D 443 1.17 -20.42 -16.01
N SER D 444 2.05 -19.97 -16.91
CA SER D 444 3.50 -20.13 -16.69
C SER D 444 4.10 -19.02 -15.81
N ASN D 445 3.50 -18.81 -14.64
CA ASN D 445 4.01 -17.87 -13.64
C ASN D 445 3.55 -18.35 -12.28
N GLY D 446 4.26 -17.96 -11.23
CA GLY D 446 3.74 -18.10 -9.87
C GLY D 446 2.34 -17.52 -9.86
N GLY D 447 1.43 -18.17 -9.13
CA GLY D 447 0.03 -17.76 -9.12
C GLY D 447 -0.70 -18.04 -10.42
N GLY D 448 -0.23 -19.07 -11.13
CA GLY D 448 -0.85 -19.48 -12.39
C GLY D 448 -2.30 -19.90 -12.22
N ARG D 449 -2.59 -20.64 -11.16
CA ARG D 449 -3.96 -21.08 -10.94
C ARG D 449 -4.96 -19.92 -10.83
N PRO D 450 -4.74 -19.00 -9.88
CA PRO D 450 -5.75 -17.96 -9.76
C PRO D 450 -5.72 -16.98 -10.94
N ALA D 451 -4.59 -16.85 -11.62
CA ALA D 451 -4.56 -16.04 -12.84
C ALA D 451 -5.55 -16.62 -13.86
N LEU D 452 -5.49 -17.93 -14.08
CA LEU D 452 -6.44 -18.56 -14.99
C LEU D 452 -7.88 -18.43 -14.50
N GLU D 453 -8.09 -18.62 -13.19
CA GLU D 453 -9.45 -18.58 -12.65
C GLU D 453 -10.03 -17.18 -12.78
N SER D 454 -9.18 -16.18 -12.54
CA SER D 454 -9.59 -14.79 -12.65
C SER D 454 -9.96 -14.42 -14.08
N ILE D 455 -9.17 -14.89 -15.04
CA ILE D 455 -9.46 -14.53 -16.43
C ILE D 455 -10.70 -15.25 -17.00
N VAL D 456 -10.93 -16.49 -16.59
CA VAL D 456 -12.12 -17.20 -17.02
C VAL D 456 -13.37 -16.52 -16.48
N ALA D 457 -13.27 -16.01 -15.26
CA ALA D 457 -14.38 -15.33 -14.60
C ALA D 457 -14.69 -13.99 -15.29
N GLN D 458 -13.64 -13.26 -15.68
CA GLN D 458 -13.83 -11.98 -16.36
C GLN D 458 -14.44 -12.17 -17.75
N LEU D 459 -14.02 -13.23 -18.42
CA LEU D 459 -14.48 -13.52 -19.77
C LEU D 459 -15.90 -14.08 -19.78
N SER D 460 -16.36 -14.53 -18.62
CA SER D 460 -17.70 -15.11 -18.49
C SER D 460 -18.75 -14.09 -18.06
N ARG D 461 -18.36 -13.18 -17.16
CA ARG D 461 -19.30 -12.23 -16.58
C ARG D 461 -18.57 -10.92 -16.28
N PRO D 462 -18.30 -10.14 -17.34
CA PRO D 462 -17.46 -8.94 -17.26
C PRO D 462 -18.10 -7.79 -16.50
N ASP D 463 -17.28 -6.81 -16.08
CA ASP D 463 -17.80 -5.54 -15.59
C ASP D 463 -17.46 -4.44 -16.60
N ALA D 468 -14.45 -1.97 -23.07
CA ALA D 468 -13.61 -1.88 -21.87
C ALA D 468 -12.15 -2.11 -22.24
N LEU D 469 -11.58 -3.20 -21.72
CA LEU D 469 -10.25 -3.64 -22.13
C LEU D 469 -10.39 -4.87 -23.03
N THR D 470 -9.59 -4.94 -24.09
CA THR D 470 -9.68 -6.06 -25.03
C THR D 470 -9.25 -7.38 -24.40
N ASN D 471 -9.73 -8.48 -24.94
CA ASN D 471 -9.34 -9.80 -24.45
C ASN D 471 -7.82 -10.02 -24.49
N ASP D 472 -7.17 -9.62 -25.59
CA ASP D 472 -5.72 -9.73 -25.66
C ASP D 472 -5.07 -8.85 -24.59
N HIS D 473 -5.71 -7.74 -24.26
CA HIS D 473 -5.18 -6.85 -23.23
C HIS D 473 -5.32 -7.53 -21.86
N LEU D 474 -6.43 -8.22 -21.65
CA LEU D 474 -6.63 -8.96 -20.41
C LEU D 474 -5.59 -10.07 -20.28
N VAL D 475 -5.35 -10.78 -21.38
CA VAL D 475 -4.38 -11.86 -21.37
C VAL D 475 -2.98 -11.32 -21.04
N ALA D 476 -2.64 -10.17 -21.62
CA ALA D 476 -1.34 -9.56 -21.38
C ALA D 476 -1.20 -9.17 -19.92
N LEU D 477 -2.28 -8.64 -19.34
CA LEU D 477 -2.30 -8.27 -17.94
C LEU D 477 -2.17 -9.49 -17.03
N ALA D 478 -2.91 -10.53 -17.37
CA ALA D 478 -2.83 -11.81 -16.65
C ALA D 478 -1.41 -12.35 -16.62
N CYS D 479 -0.71 -12.30 -17.77
CA CYS D 479 0.67 -12.74 -17.83
C CYS D 479 1.58 -11.86 -17.01
N LEU D 480 1.36 -10.55 -17.08
CA LEU D 480 2.20 -9.59 -16.39
C LEU D 480 2.06 -9.66 -14.87
N GLY D 481 0.83 -9.77 -14.39
CA GLY D 481 0.60 -9.68 -12.95
C GLY D 481 -0.46 -10.61 -12.38
N GLY D 482 -0.96 -11.53 -13.19
CA GLY D 482 -1.88 -12.55 -12.71
C GLY D 482 -3.16 -11.97 -12.13
N ARG D 483 -3.70 -12.65 -11.11
CA ARG D 483 -4.95 -12.21 -10.51
C ARG D 483 -4.87 -10.80 -9.93
N PRO D 484 -3.74 -10.46 -9.27
CA PRO D 484 -3.60 -9.12 -8.69
C PRO D 484 -3.60 -8.01 -9.75
N ALA D 485 -3.08 -8.29 -10.94
CA ALA D 485 -3.16 -7.33 -12.04
C ALA D 485 -4.61 -7.12 -12.47
N LEU D 486 -5.33 -8.22 -12.67
CA LEU D 486 -6.73 -8.13 -13.08
C LEU D 486 -7.58 -7.42 -12.04
N ASP D 487 -7.31 -7.67 -10.75
CA ASP D 487 -8.05 -7.01 -9.68
C ASP D 487 -7.72 -5.51 -9.59
N ALA D 488 -6.49 -5.13 -9.91
CA ALA D 488 -6.08 -3.72 -9.96
C ALA D 488 -6.84 -2.95 -11.04
N VAL D 489 -7.09 -3.62 -12.16
CA VAL D 489 -7.78 -2.99 -13.28
C VAL D 489 -9.25 -2.72 -12.95
N LYS D 490 -9.85 -3.59 -12.15
CA LYS D 490 -11.23 -3.43 -11.73
C LYS D 490 -11.45 -2.11 -10.98
N LYS D 491 -10.50 -1.79 -10.10
CA LYS D 491 -10.55 -0.57 -9.30
C LYS D 491 -10.13 0.66 -10.07
N LEU D 492 -10.27 0.62 -11.39
CA LEU D 492 -9.87 1.74 -12.24
C LEU D 492 -11.07 2.53 -12.74
N1 5CM E 8 6.67 -25.59 17.28
C2 5CM E 8 6.06 -26.63 16.55
N3 5CM E 8 4.81 -26.50 16.06
C4 5CM E 8 4.11 -25.36 16.27
C5 5CM E 8 4.75 -24.27 17.04
C5A 5CM E 8 4.00 -22.98 17.28
C6 5CM E 8 6.03 -24.45 17.51
O2 5CM E 8 6.69 -27.69 16.36
N4 5CM E 8 2.85 -25.24 15.78
C1' 5CM E 8 8.03 -25.81 17.78
C2' 5CM E 8 9.06 -24.91 17.12
C3' 5CM E 8 10.09 -24.68 18.21
C4' 5CM E 8 9.46 -25.22 19.48
O4' 5CM E 8 8.10 -25.53 19.17
O3' 5CM E 8 11.27 -25.43 17.95
C5' 5CM E 8 9.57 -24.24 20.65
O5' 5CM E 8 8.87 -23.03 20.37
P 5CM E 8 8.65 -21.99 21.57
OP1 5CM E 8 9.93 -21.92 22.36
OP2 5CM E 8 8.04 -20.74 21.02
N1 5CM E 11 6.20 -26.48 4.45
C2 5CM E 11 5.03 -25.73 4.69
N3 5CM E 11 5.08 -24.53 5.30
C4 5CM E 11 6.26 -24.02 5.70
C5 5CM E 11 7.49 -24.81 5.46
C5A 5CM E 11 8.83 -24.27 5.90
C6 5CM E 11 7.40 -26.04 4.84
O2 5CM E 11 3.93 -26.18 4.33
N4 5CM E 11 6.33 -22.83 6.32
C1' 5CM E 11 6.05 -27.78 3.79
C2' 5CM E 11 6.80 -27.91 2.47
C3' 5CM E 11 7.11 -29.39 2.38
C4' 5CM E 11 6.92 -29.93 3.78
O4' 5CM E 11 6.60 -28.82 4.61
O3' 5CM E 11 6.16 -30.04 1.55
C5' 5CM E 11 8.13 -30.70 4.30
O5' 5CM E 11 9.30 -29.90 4.29
P 5CM E 11 10.63 -30.41 5.03
OP1 5CM E 11 10.92 -31.81 4.59
OP2 5CM E 11 11.69 -29.35 4.87
N1 5CM E 15 3.09 -12.96 -4.38
C2 5CM E 15 4.42 -12.84 -3.96
N3 5CM E 15 5.38 -13.65 -4.43
C4 5CM E 15 5.08 -14.59 -5.34
C5 5CM E 15 3.68 -14.73 -5.79
C5A 5CM E 15 3.30 -15.77 -6.81
C6 5CM E 15 2.72 -13.88 -5.27
O2 5CM E 15 4.70 -11.96 -3.11
N4 5CM E 15 6.05 -15.41 -5.83
C1' 5CM E 15 2.10 -12.05 -3.80
C2' 5CM E 15 1.48 -11.09 -4.79
C3' 5CM E 15 0.10 -10.86 -4.20
C4' 5CM E 15 -0.20 -12.10 -3.39
O4' 5CM E 15 1.02 -12.84 -3.30
O3' 5CM E 15 0.20 -9.79 -3.25
C5' 5CM E 15 -1.30 -12.95 -3.99
O5' 5CM E 15 -0.91 -13.42 -5.27
P 5CM E 15 -1.91 -14.34 -6.13
OP1 5CM E 15 -3.27 -13.70 -6.10
OP2 5CM E 15 -1.26 -14.66 -7.43
#